data_7WUW
#
_entry.id   7WUW
#
_cell.length_a   54.851
_cell.length_b   132.203
_cell.length_c   157.015
_cell.angle_alpha   90.000
_cell.angle_beta   90.000
_cell.angle_gamma   90.000
#
_symmetry.space_group_name_H-M   'P 21 21 21'
#
loop_
_entity.id
_entity.type
_entity.pdbx_description
1 polymer AziU2
2 polymer AziU3
3 non-polymer 'TETRAETHYLENE GLYCOL'
4 non-polymer 'MAGNESIUM ION'
5 water water
#
loop_
_entity_poly.entity_id
_entity_poly.type
_entity_poly.pdbx_seq_one_letter_code
_entity_poly.pdbx_strand_id
1 'polypeptide(L)'
;MASWSHPQFEKGGTHVAETSAPTRSEPDTRVLTLPGTASAPEFRLIDIDGLLNNRATTDVRDLGSGRLNAWGNSFPAAEL
PAPGSLITVAGIPFTWANAHARGDNIRCEGQVVDIPPGQYDWIYLLAASERRSEDTIWAHYDDGHADPLRVGISDFLDGT
PAFGELSAFRTSRMHYPHHVQEGLPTTMWLTRVGMPRHGVARSLRLPRSVAMHVFALTLRTAAAVRLAEGATT
;
A,B
2 'polypeptide(L)'
;MGSSHHHHHHSQDPNSTTTAPPVELWTRDLGSCLHGTLATALIRDGHDPVTVLGAPWEFRRRPGAWSSEEYFFFAEPDSL
AGRLALYHPFESTWHRSDGDGVDDLREALAAGVLPIAAVDNFHLPFRPAFHDVHAAHLLVVYRITETEVYVSDAQPPAFQ
GAIPLADFLASWGSLNPPDDADVFFSASPSGRRWLRTRMTGPVPEPDRHWVGRVIRENVARYRQEPPADTQTGLPGLRRY
LDELCALTPGTNAASEALSELYVISWNIQAQSGLHAEFLRAHSVKWRIPELAEAAAGVDAVAHGWTGVRMTGAHSRVWQR
HRPAELRGHATALVRRLEAALDLLELAADAVS
;
C,D
#
loop_
_chem_comp.id
_chem_comp.type
_chem_comp.name
_chem_comp.formula
MG non-polymer 'MAGNESIUM ION' 'Mg 2'
PG4 non-polymer 'TETRAETHYLENE GLYCOL' 'C8 H18 O5'
#
# COMPACT_ATOMS: atom_id res chain seq x y z
N LEU A 32 8.50 27.80 -13.89
CA LEU A 32 9.01 28.93 -13.06
C LEU A 32 9.74 28.40 -11.83
N THR A 33 10.93 28.94 -11.56
CA THR A 33 11.83 28.54 -10.45
C THR A 33 11.98 29.72 -9.49
N LEU A 34 11.76 29.49 -8.19
CA LEU A 34 11.93 30.51 -7.12
C LEU A 34 12.82 29.94 -6.01
N PRO A 35 13.78 30.73 -5.50
CA PRO A 35 14.65 30.28 -4.41
C PRO A 35 13.87 30.21 -3.09
N GLY A 36 14.17 29.19 -2.28
CA GLY A 36 13.56 28.99 -0.95
C GLY A 36 14.58 29.16 0.15
N THR A 37 14.09 29.22 1.40
CA THR A 37 14.92 29.23 2.63
C THR A 37 14.18 28.43 3.69
N ALA A 38 14.85 27.41 4.25
CA ALA A 38 14.35 26.56 5.36
C ALA A 38 15.22 26.78 6.60
N SER A 39 14.59 27.04 7.74
CA SER A 39 15.28 27.20 9.04
CA SER A 39 15.28 27.20 9.04
C SER A 39 15.97 25.89 9.43
N ALA A 40 16.87 25.96 10.41
CA ALA A 40 17.64 24.81 10.93
C ALA A 40 16.69 23.88 11.70
N PRO A 41 16.53 22.61 11.28
CA PRO A 41 15.79 21.63 12.09
C PRO A 41 16.67 21.08 13.22
N GLU A 42 16.07 20.29 14.10
CA GLU A 42 16.77 19.50 15.15
C GLU A 42 16.82 18.03 14.70
N PHE A 43 17.91 17.35 15.00
CA PHE A 43 18.02 15.87 14.95
C PHE A 43 17.80 15.32 16.36
N ARG A 44 16.93 14.32 16.48
CA ARG A 44 16.67 13.60 17.76
C ARG A 44 17.09 12.15 17.57
N LEU A 45 18.25 11.81 18.16
CA LEU A 45 18.91 10.48 18.05
C LEU A 45 18.27 9.56 19.10
N ILE A 46 17.54 8.54 18.64
CA ILE A 46 16.72 7.67 19.52
C ILE A 46 17.63 6.60 20.14
N ASP A 47 17.66 6.53 21.47
CA ASP A 47 18.34 5.45 22.23
C ASP A 47 17.53 4.17 22.03
N ILE A 48 18.07 3.19 21.30
CA ILE A 48 17.38 1.90 21.00
C ILE A 48 18.08 0.75 21.75
N ASP A 49 18.98 1.06 22.69
CA ASP A 49 19.76 0.06 23.47
C ASP A 49 18.80 -0.92 24.16
N GLY A 50 17.63 -0.45 24.60
CA GLY A 50 16.61 -1.27 25.29
C GLY A 50 15.88 -2.23 24.37
N LEU A 51 15.95 -2.03 23.05
CA LEU A 51 15.19 -2.81 22.03
C LEU A 51 16.11 -3.83 21.32
N LEU A 52 17.42 -3.75 21.52
CA LEU A 52 18.40 -4.66 20.85
C LEU A 52 18.04 -6.10 21.22
N ASN A 53 17.85 -6.97 20.21
CA ASN A 53 17.29 -8.33 20.41
C ASN A 53 17.97 -9.35 19.49
N ASN A 54 19.08 -8.98 18.85
CA ASN A 54 19.72 -9.80 17.78
C ASN A 54 21.19 -9.40 17.66
N ARG A 55 22.06 -10.36 17.39
CA ARG A 55 23.51 -10.16 17.09
C ARG A 55 23.70 -10.24 15.57
N ALA A 56 23.99 -9.10 14.94
CA ALA A 56 24.27 -8.99 13.49
C ALA A 56 25.75 -8.67 13.25
N THR A 57 26.51 -8.41 14.33
CA THR A 57 27.94 -7.98 14.28
C THR A 57 28.77 -8.83 15.24
N THR A 58 29.95 -9.28 14.82
CA THR A 58 30.87 -10.08 15.66
C THR A 58 32.31 -9.60 15.50
N ASP A 59 33.10 -9.78 16.56
CA ASP A 59 34.58 -9.71 16.54
C ASP A 59 35.12 -11.07 16.07
N VAL A 60 36.40 -11.15 15.77
CA VAL A 60 37.09 -12.42 15.35
C VAL A 60 36.97 -13.44 16.50
N ARG A 61 36.83 -12.98 17.75
CA ARG A 61 36.81 -13.82 18.98
C ARG A 61 35.44 -14.50 19.18
N ASP A 62 34.35 -13.96 18.61
CA ASP A 62 32.99 -14.51 18.81
C ASP A 62 32.24 -14.62 17.46
N LEU A 63 32.90 -15.19 16.44
CA LEU A 63 32.32 -15.43 15.08
C LEU A 63 31.05 -16.27 15.20
N GLY A 64 31.00 -17.20 16.16
CA GLY A 64 29.90 -18.17 16.34
C GLY A 64 28.62 -17.54 16.85
N SER A 65 28.64 -16.27 17.26
CA SER A 65 27.48 -15.53 17.84
C SER A 65 26.71 -14.77 16.76
N GLY A 66 27.21 -14.74 15.52
CA GLY A 66 26.57 -14.01 14.40
C GLY A 66 25.21 -14.59 14.06
N ARG A 67 24.17 -13.75 14.01
CA ARG A 67 22.78 -14.15 13.66
C ARG A 67 22.16 -13.10 12.73
N LEU A 68 22.95 -12.53 11.82
CA LEU A 68 22.45 -11.56 10.81
C LEU A 68 21.49 -12.29 9.86
N ASN A 69 21.74 -13.57 9.61
CA ASN A 69 20.92 -14.42 8.70
C ASN A 69 20.85 -15.84 9.26
N ALA A 70 20.13 -16.73 8.58
CA ALA A 70 19.94 -18.15 8.95
C ALA A 70 21.28 -18.88 8.96
N TRP A 71 22.28 -18.40 8.21
CA TRP A 71 23.62 -19.05 8.01
C TRP A 71 24.62 -18.61 9.07
N GLY A 72 24.24 -17.71 9.98
CA GLY A 72 25.08 -17.26 11.10
C GLY A 72 26.19 -16.32 10.65
N ASN A 73 25.96 -15.58 9.55
CA ASN A 73 26.86 -14.50 9.09
C ASN A 73 26.71 -13.30 10.03
N SER A 74 27.64 -12.35 9.93
CA SER A 74 27.62 -11.08 10.70
C SER A 74 28.54 -10.06 10.04
N PHE A 75 28.28 -8.77 10.27
CA PHE A 75 29.22 -7.66 9.99
C PHE A 75 30.48 -7.87 10.81
N PRO A 76 31.67 -7.57 10.26
CA PRO A 76 32.89 -7.46 11.06
C PRO A 76 32.82 -6.22 11.98
N ALA A 77 32.94 -6.43 13.29
CA ALA A 77 32.97 -5.36 14.32
C ALA A 77 34.08 -4.36 13.96
N ALA A 78 35.21 -4.84 13.45
CA ALA A 78 36.39 -4.01 13.09
C ALA A 78 36.04 -3.02 11.98
N GLU A 79 34.99 -3.28 11.18
CA GLU A 79 34.63 -2.43 10.00
C GLU A 79 33.38 -1.59 10.29
N LEU A 80 32.99 -1.44 11.56
CA LEU A 80 31.87 -0.57 11.99
C LEU A 80 32.35 0.34 13.12
N PRO A 81 31.63 1.44 13.42
CA PRO A 81 32.01 2.34 14.50
C PRO A 81 32.08 1.64 15.87
N ALA A 82 32.80 2.26 16.82
CA ALA A 82 32.83 1.86 18.24
C ALA A 82 31.43 2.01 18.82
N PRO A 83 30.91 1.00 19.54
CA PRO A 83 29.70 1.16 20.35
C PRO A 83 29.72 2.47 21.16
N GLY A 84 28.60 3.21 21.14
CA GLY A 84 28.39 4.43 21.91
C GLY A 84 28.87 5.69 21.20
N SER A 85 29.55 5.54 20.06
CA SER A 85 30.17 6.69 19.33
C SER A 85 29.10 7.49 18.58
N LEU A 86 29.31 8.79 18.45
CA LEU A 86 28.50 9.70 17.59
C LEU A 86 29.08 9.66 16.18
N ILE A 87 28.25 9.37 15.19
CA ILE A 87 28.65 9.33 13.74
C ILE A 87 27.69 10.22 12.96
N THR A 88 28.09 10.59 11.74
CA THR A 88 27.18 11.11 10.69
C THR A 88 27.31 10.19 9.46
N VAL A 89 26.18 9.97 8.80
CA VAL A 89 26.09 9.27 7.48
C VAL A 89 25.37 10.24 6.52
N ALA A 90 26.06 10.70 5.48
CA ALA A 90 25.59 11.74 4.54
C ALA A 90 25.05 12.94 5.33
N GLY A 91 25.74 13.31 6.42
CA GLY A 91 25.42 14.50 7.24
C GLY A 91 24.42 14.23 8.36
N ILE A 92 23.73 13.08 8.33
CA ILE A 92 22.67 12.74 9.32
C ILE A 92 23.33 12.13 10.55
N PRO A 93 23.16 12.72 11.75
CA PRO A 93 23.78 12.17 12.95
C PRO A 93 23.05 10.92 13.48
N PHE A 94 23.83 9.96 13.98
CA PHE A 94 23.36 8.72 14.64
C PHE A 94 24.25 8.43 15.85
N THR A 95 23.66 7.83 16.88
CA THR A 95 24.41 7.22 18.01
C THR A 95 24.56 5.73 17.71
N TRP A 96 25.79 5.23 17.73
CA TRP A 96 26.08 3.78 17.52
C TRP A 96 25.70 3.02 18.79
N ALA A 97 24.97 1.92 18.65
CA ALA A 97 24.34 1.17 19.76
C ALA A 97 25.41 0.72 20.77
N ASN A 98 25.08 0.82 22.06
CA ASN A 98 25.85 0.19 23.16
C ASN A 98 25.44 -1.29 23.22
N ALA A 99 26.07 -2.12 22.38
CA ALA A 99 25.76 -3.55 22.20
C ALA A 99 26.04 -4.32 23.50
N HIS A 100 25.31 -5.42 23.71
CA HIS A 100 25.56 -6.44 24.75
C HIS A 100 25.74 -7.80 24.07
N ALA A 101 26.08 -8.84 24.83
CA ALA A 101 26.38 -10.19 24.32
C ALA A 101 25.20 -10.71 23.48
N ARG A 102 23.97 -10.30 23.79
CA ARG A 102 22.72 -10.86 23.19
C ARG A 102 22.00 -9.82 22.32
N GLY A 103 22.62 -8.68 21.98
CA GLY A 103 21.97 -7.66 21.13
C GLY A 103 22.90 -6.56 20.66
N ASP A 104 22.93 -6.28 19.34
CA ASP A 104 23.63 -5.10 18.76
C ASP A 104 22.76 -4.42 17.69
N ASN A 105 21.54 -4.89 17.46
CA ASN A 105 20.59 -4.27 16.49
C ASN A 105 19.17 -4.73 16.82
N ILE A 106 18.16 -4.09 16.20
CA ILE A 106 16.74 -4.51 16.30
C ILE A 106 16.41 -5.37 15.08
N ARG A 107 16.21 -6.66 15.29
CA ARG A 107 15.53 -7.53 14.30
C ARG A 107 14.03 -7.22 14.41
N CYS A 108 13.43 -6.78 13.31
CA CYS A 108 12.16 -6.01 13.29
C CYS A 108 10.98 -6.95 13.54
N GLU A 109 10.22 -6.68 14.62
CA GLU A 109 9.05 -7.47 15.07
C GLU A 109 7.96 -6.51 15.54
N GLY A 110 7.79 -5.36 14.88
CA GLY A 110 6.72 -4.40 15.18
C GLY A 110 6.91 -3.74 16.53
N GLN A 111 8.16 -3.53 16.94
CA GLN A 111 8.50 -2.83 18.21
C GLN A 111 7.96 -1.40 18.13
N VAL A 112 7.28 -0.95 19.19
CA VAL A 112 6.85 0.46 19.34
C VAL A 112 8.03 1.23 19.95
N VAL A 113 8.43 2.33 19.32
CA VAL A 113 9.54 3.22 19.77
C VAL A 113 8.93 4.57 20.15
N ASP A 114 8.99 4.92 21.44
CA ASP A 114 8.58 6.26 21.94
C ASP A 114 9.59 7.28 21.41
N ILE A 115 9.08 8.42 20.94
CA ILE A 115 9.91 9.57 20.47
C ILE A 115 9.45 10.82 21.22
N PRO A 116 10.33 11.84 21.40
CA PRO A 116 9.89 13.11 21.95
C PRO A 116 8.71 13.65 21.14
N PRO A 117 7.56 13.99 21.77
CA PRO A 117 6.44 14.57 21.03
C PRO A 117 6.92 15.81 20.27
N GLY A 118 6.61 15.88 18.97
CA GLY A 118 7.04 17.00 18.11
C GLY A 118 6.49 16.88 16.69
N GLN A 119 6.66 17.94 15.91
CA GLN A 119 6.39 17.97 14.46
C GLN A 119 7.67 17.56 13.72
N TYR A 120 7.60 16.49 12.95
CA TYR A 120 8.76 15.85 12.26
C TYR A 120 8.51 15.85 10.75
N ASP A 121 9.60 15.89 9.98
CA ASP A 121 9.59 15.80 8.50
C ASP A 121 10.07 14.42 8.05
N TRP A 122 11.13 13.87 8.68
CA TRP A 122 11.84 12.65 8.19
C TRP A 122 12.23 11.72 9.34
N ILE A 123 12.10 10.42 9.10
CA ILE A 123 12.74 9.32 9.88
C ILE A 123 13.97 8.86 9.08
N TYR A 124 15.12 8.73 9.74
CA TYR A 124 16.35 8.13 9.16
C TYR A 124 16.66 6.82 9.89
N LEU A 125 16.91 5.76 9.10
CA LEU A 125 17.28 4.40 9.59
C LEU A 125 18.66 4.04 9.03
N LEU A 126 19.53 3.48 9.88
CA LEU A 126 20.67 2.65 9.41
C LEU A 126 20.22 1.20 9.54
N ALA A 127 20.16 0.48 8.42
CA ALA A 127 19.45 -0.82 8.35
C ALA A 127 20.00 -1.69 7.23
N ALA A 128 19.72 -3.00 7.32
CA ALA A 128 19.99 -4.00 6.27
C ALA A 128 18.94 -5.09 6.37
N SER A 129 18.72 -5.83 5.28
CA SER A 129 17.68 -6.88 5.17
C SER A 129 18.30 -8.18 4.64
N GLU A 130 17.78 -9.31 5.13
CA GLU A 130 18.18 -10.67 4.66
CA GLU A 130 18.19 -10.66 4.66
C GLU A 130 17.50 -10.89 3.31
N ARG A 131 18.16 -10.43 2.23
CA ARG A 131 17.58 -10.13 0.89
C ARG A 131 16.78 -8.83 1.01
N ARG A 132 16.77 -8.01 -0.05
CA ARG A 132 16.02 -6.74 -0.05
C ARG A 132 14.54 -7.03 0.20
N SER A 133 13.86 -6.12 0.92
CA SER A 133 12.43 -6.24 1.24
C SER A 133 11.85 -4.86 1.55
N GLU A 134 10.52 -4.77 1.55
N GLU A 134 10.52 -4.74 1.54
CA GLU A 134 9.77 -3.53 1.88
CA GLU A 134 9.80 -3.49 1.88
C GLU A 134 8.73 -3.86 2.94
C GLU A 134 8.65 -3.79 2.85
N ASP A 135 8.43 -2.89 3.80
CA ASP A 135 7.40 -3.06 4.87
C ASP A 135 6.93 -1.66 5.24
N THR A 136 6.52 -1.47 6.49
CA THR A 136 5.83 -0.26 6.97
C THR A 136 6.43 0.17 8.30
N ILE A 137 6.79 1.45 8.39
CA ILE A 137 7.00 2.15 9.70
CA ILE A 137 6.98 2.13 9.70
C ILE A 137 5.73 2.98 9.96
N TRP A 138 5.05 2.72 11.08
CA TRP A 138 3.85 3.49 11.48
C TRP A 138 4.30 4.70 12.29
N ALA A 139 3.75 5.89 12.00
CA ALA A 139 3.88 7.10 12.83
C ALA A 139 2.55 7.31 13.56
N HIS A 140 2.59 7.37 14.90
CA HIS A 140 1.40 7.55 15.78
C HIS A 140 1.34 9.02 16.24
N TYR A 141 0.20 9.68 16.03
CA TYR A 141 -0.02 11.12 16.32
C TYR A 141 -0.92 11.27 17.55
N ASP A 142 -0.80 12.42 18.24
CA ASP A 142 -1.46 12.62 19.56
CA ASP A 142 -1.46 12.72 19.54
C ASP A 142 -2.99 12.68 19.39
N ASP A 143 -3.49 12.94 18.18
CA ASP A 143 -4.96 13.01 17.90
C ASP A 143 -5.52 11.62 17.60
N GLY A 144 -4.68 10.57 17.61
CA GLY A 144 -5.11 9.18 17.42
C GLY A 144 -4.98 8.70 15.99
N HIS A 145 -4.60 9.58 15.05
CA HIS A 145 -4.22 9.19 13.67
C HIS A 145 -2.91 8.41 13.71
N ALA A 146 -2.81 7.40 12.85
CA ALA A 146 -1.55 6.68 12.56
C ALA A 146 -1.39 6.60 11.04
N ASP A 147 -0.19 6.91 10.54
CA ASP A 147 0.13 6.87 9.09
C ASP A 147 1.06 5.69 8.84
N PRO A 148 0.70 4.79 7.90
CA PRO A 148 1.61 3.74 7.44
C PRO A 148 2.58 4.34 6.42
N LEU A 149 3.87 4.40 6.77
CA LEU A 149 4.94 4.98 5.92
C LEU A 149 5.76 3.83 5.33
N ARG A 150 5.73 3.66 4.02
CA ARG A 150 6.40 2.50 3.37
C ARG A 150 7.91 2.71 3.47
N VAL A 151 8.63 1.64 3.79
CA VAL A 151 10.11 1.65 3.95
C VAL A 151 10.67 0.41 3.28
N GLY A 152 11.64 0.62 2.38
CA GLY A 152 12.42 -0.45 1.73
C GLY A 152 13.81 -0.50 2.33
N ILE A 153 14.32 -1.70 2.57
CA ILE A 153 15.69 -1.93 3.11
C ILE A 153 16.38 -2.96 2.21
N SER A 154 17.55 -2.60 1.69
CA SER A 154 18.34 -3.42 0.72
C SER A 154 19.20 -4.45 1.45
N ASP A 155 19.78 -5.36 0.68
CA ASP A 155 20.48 -6.59 1.16
C ASP A 155 21.71 -6.22 1.97
N PHE A 156 22.01 -6.99 3.02
CA PHE A 156 23.29 -6.95 3.77
C PHE A 156 24.38 -7.65 2.95
N LEU A 157 24.00 -8.60 2.09
CA LEU A 157 24.96 -9.46 1.34
C LEU A 157 25.37 -8.75 0.05
N ASP A 158 26.46 -7.98 0.10
CA ASP A 158 27.00 -7.20 -1.04
C ASP A 158 25.82 -6.66 -1.87
N GLY A 159 24.95 -5.88 -1.24
CA GLY A 159 23.65 -5.45 -1.79
C GLY A 159 23.79 -4.33 -2.81
N THR A 160 22.80 -4.25 -3.71
CA THR A 160 22.55 -3.11 -4.62
C THR A 160 21.35 -2.37 -4.07
N PRO A 161 21.41 -1.02 -3.90
CA PRO A 161 20.26 -0.28 -3.37
C PRO A 161 19.10 -0.36 -4.37
N ALA A 162 17.94 -0.83 -3.90
CA ALA A 162 16.72 -1.01 -4.72
C ALA A 162 15.73 0.14 -4.46
N PHE A 163 15.90 0.89 -3.37
CA PHE A 163 14.91 1.88 -2.88
C PHE A 163 15.51 3.29 -2.88
N GLY A 164 16.65 3.49 -3.54
CA GLY A 164 17.36 4.78 -3.59
C GLY A 164 17.91 5.18 -2.24
N GLU A 165 18.34 4.20 -1.44
CA GLU A 165 19.08 4.43 -0.17
C GLU A 165 20.47 4.96 -0.50
N LEU A 166 21.13 5.54 0.50
CA LEU A 166 22.58 5.86 0.44
C LEU A 166 23.34 4.75 1.17
N SER A 167 24.56 4.45 0.75
CA SER A 167 25.46 3.51 1.45
C SER A 167 25.85 4.10 2.81
N ALA A 168 25.58 3.40 3.91
CA ALA A 168 26.03 3.77 5.27
C ALA A 168 27.39 3.12 5.54
N PHE A 169 27.48 1.80 5.40
CA PHE A 169 28.74 1.03 5.47
C PHE A 169 28.74 -0.03 4.38
N ARG A 170 29.88 -0.16 3.68
CA ARG A 170 30.19 -1.27 2.74
C ARG A 170 31.54 -1.84 3.17
N THR A 171 31.51 -2.94 3.93
CA THR A 171 32.72 -3.58 4.50
C THR A 171 33.47 -4.30 3.38
N SER A 172 34.74 -4.64 3.62
CA SER A 172 35.59 -5.44 2.71
C SER A 172 35.36 -6.93 2.96
N ARG A 173 35.05 -7.28 4.21
CA ARG A 173 34.96 -8.68 4.68
C ARG A 173 33.60 -8.95 5.28
N MET A 174 33.28 -10.24 5.45
CA MET A 174 32.06 -10.73 6.12
C MET A 174 32.48 -11.85 7.08
N HIS A 175 31.80 -11.96 8.21
CA HIS A 175 32.05 -13.02 9.22
C HIS A 175 31.12 -14.21 8.95
N TYR A 176 31.69 -15.41 9.02
CA TYR A 176 30.98 -16.72 9.02
C TYR A 176 31.16 -17.34 10.40
N PRO A 177 30.35 -18.34 10.78
CA PRO A 177 30.49 -18.99 12.09
C PRO A 177 31.92 -19.39 12.47
N HIS A 178 32.74 -19.85 11.51
CA HIS A 178 34.06 -20.48 11.78
C HIS A 178 35.22 -19.70 11.15
N HIS A 179 34.99 -18.61 10.41
CA HIS A 179 36.09 -17.88 9.73
C HIS A 179 35.66 -16.48 9.30
N VAL A 180 36.65 -15.60 9.12
CA VAL A 180 36.54 -14.27 8.45
C VAL A 180 36.66 -14.52 6.95
N GLN A 181 35.71 -14.00 6.16
CA GLN A 181 35.73 -14.15 4.68
C GLN A 181 36.26 -12.87 4.06
N GLU A 182 37.43 -12.93 3.43
CA GLU A 182 38.03 -11.78 2.71
C GLU A 182 37.26 -11.54 1.41
N GLY A 183 37.22 -10.28 0.95
CA GLY A 183 36.71 -9.90 -0.37
C GLY A 183 35.23 -10.22 -0.54
N LEU A 184 34.43 -10.03 0.51
CA LEU A 184 32.96 -10.21 0.50
C LEU A 184 32.30 -9.09 1.29
N PRO A 185 31.85 -8.01 0.60
CA PRO A 185 31.23 -6.86 1.28
C PRO A 185 29.93 -7.19 2.04
N THR A 186 29.85 -6.71 3.29
CA THR A 186 28.61 -6.62 4.09
C THR A 186 28.11 -5.17 4.00
N THR A 187 26.87 -4.97 3.57
CA THR A 187 26.33 -3.63 3.21
C THR A 187 25.24 -3.20 4.21
N MET A 188 25.37 -1.99 4.74
CA MET A 188 24.34 -1.33 5.58
C MET A 188 23.91 -0.03 4.87
N TRP A 189 22.62 0.33 4.98
CA TRP A 189 21.98 1.39 4.16
C TRP A 189 21.46 2.50 5.07
N LEU A 190 21.52 3.74 4.58
CA LEU A 190 20.82 4.90 5.14
C LEU A 190 19.51 5.07 4.35
N THR A 191 18.38 4.82 4.98
CA THR A 191 17.02 4.98 4.39
C THR A 191 16.34 6.17 5.08
N ARG A 192 15.62 6.99 4.31
CA ARG A 192 14.79 8.10 4.84
C ARG A 192 13.32 7.83 4.53
N VAL A 193 12.45 8.21 5.44
CA VAL A 193 10.97 8.02 5.33
C VAL A 193 10.30 9.35 5.69
N GLY A 194 9.54 9.92 4.75
CA GLY A 194 8.81 11.19 4.93
C GLY A 194 7.66 11.02 5.92
N MET A 195 7.39 12.06 6.70
CA MET A 195 6.24 12.13 7.64
C MET A 195 5.37 13.33 7.24
N PRO A 196 4.50 13.17 6.21
CA PRO A 196 3.79 14.30 5.62
C PRO A 196 2.78 15.03 6.54
N ARG A 197 2.17 14.31 7.47
CA ARG A 197 1.09 14.85 8.35
C ARG A 197 1.64 16.03 9.16
N HIS A 198 1.00 17.19 9.09
CA HIS A 198 1.25 18.33 10.02
C HIS A 198 0.51 18.02 11.33
N GLY A 199 1.24 17.43 12.28
CA GLY A 199 0.71 17.01 13.59
C GLY A 199 1.84 16.58 14.51
N VAL A 200 1.53 16.37 15.78
CA VAL A 200 2.50 15.95 16.82
C VAL A 200 2.58 14.42 16.83
N ALA A 201 3.73 13.86 16.43
CA ALA A 201 4.02 12.41 16.51
C ALA A 201 4.58 12.10 17.90
N ARG A 202 4.15 10.97 18.49
CA ARG A 202 4.53 10.57 19.88
C ARG A 202 5.29 9.22 19.87
N SER A 203 5.13 8.39 18.84
CA SER A 203 5.80 7.07 18.74
C SER A 203 5.83 6.56 17.30
N LEU A 204 6.66 5.56 17.04
CA LEU A 204 6.76 4.82 15.75
C LEU A 204 6.52 3.33 16.03
N ARG A 205 6.08 2.58 15.02
CA ARG A 205 6.22 1.10 15.03
C ARG A 205 7.20 0.70 13.93
N LEU A 206 8.23 -0.06 14.30
CA LEU A 206 9.22 -0.61 13.33
C LEU A 206 8.53 -1.70 12.52
N PRO A 207 9.08 -2.07 11.34
CA PRO A 207 8.50 -3.13 10.52
C PRO A 207 8.24 -4.44 11.26
N ARG A 208 7.27 -5.21 10.75
CA ARG A 208 6.99 -6.59 11.21
C ARG A 208 7.65 -7.55 10.20
N SER A 209 8.98 -7.63 10.20
CA SER A 209 9.74 -8.56 9.33
C SER A 209 11.08 -8.91 9.96
N VAL A 210 11.25 -10.19 10.29
CA VAL A 210 12.48 -10.79 10.89
C VAL A 210 13.64 -10.66 9.90
N ALA A 211 13.38 -10.39 8.62
CA ALA A 211 14.41 -10.17 7.58
C ALA A 211 15.12 -8.84 7.82
N MET A 212 14.46 -7.88 8.48
CA MET A 212 14.92 -6.47 8.56
C MET A 212 15.65 -6.21 9.90
N HIS A 213 16.77 -5.48 9.82
CA HIS A 213 17.69 -5.17 10.94
C HIS A 213 17.88 -3.66 11.02
N VAL A 214 17.57 -3.05 12.17
CA VAL A 214 17.78 -1.58 12.39
C VAL A 214 18.94 -1.42 13.40
N PHE A 215 19.96 -0.65 13.01
CA PHE A 215 21.19 -0.41 13.80
C PHE A 215 21.12 0.96 14.49
N ALA A 216 20.37 1.91 13.92
CA ALA A 216 20.23 3.28 14.44
C ALA A 216 18.99 3.95 13.85
N LEU A 217 18.41 4.86 14.62
CA LEU A 217 17.16 5.60 14.31
C LEU A 217 17.36 7.06 14.73
N THR A 218 17.19 7.99 13.79
CA THR A 218 17.26 9.45 14.03
C THR A 218 16.06 10.12 13.37
N LEU A 219 15.38 11.02 14.09
CA LEU A 219 14.25 11.81 13.55
C LEU A 219 14.73 13.25 13.31
N ARG A 220 14.17 13.90 12.29
CA ARG A 220 14.47 15.29 11.90
C ARG A 220 13.18 16.11 12.05
N THR A 221 13.21 17.14 12.91
CA THR A 221 12.02 17.98 13.20
C THR A 221 11.64 18.77 11.93
N ALA A 222 10.39 19.22 11.88
CA ALA A 222 9.88 20.15 10.84
C ALA A 222 10.63 21.47 10.99
N ALA A 223 10.89 22.15 9.87
CA ALA A 223 11.48 23.50 9.84
C ALA A 223 10.73 24.33 8.79
N ALA A 224 10.30 25.53 9.19
CA ALA A 224 9.54 26.48 8.33
C ALA A 224 10.35 26.73 7.05
N VAL A 225 9.70 26.57 5.89
CA VAL A 225 10.28 26.90 4.55
C VAL A 225 9.43 28.03 3.94
N ARG A 226 10.07 28.93 3.20
CA ARG A 226 9.41 30.09 2.54
C ARG A 226 10.27 30.56 1.36
N LEU A 227 9.80 31.57 0.62
CA LEU A 227 10.56 32.26 -0.45
C LEU A 227 11.75 33.00 0.16
N ALA A 228 12.90 33.00 -0.51
CA ALA A 228 14.15 33.67 -0.08
C ALA A 228 14.04 35.17 -0.33
N LEU B 32 18.96 12.12 22.75
CA LEU B 32 20.04 13.08 22.41
C LEU B 32 19.59 13.98 21.25
N THR B 33 19.59 15.30 21.46
CA THR B 33 19.15 16.32 20.49
C THR B 33 20.37 17.10 19.99
N LEU B 34 20.54 17.19 18.67
CA LEU B 34 21.66 17.93 18.02
C LEU B 34 21.10 18.88 16.98
N PRO B 35 21.70 20.09 16.83
CA PRO B 35 21.22 21.06 15.85
C PRO B 35 21.54 20.62 14.42
N GLY B 36 20.60 20.85 13.50
CA GLY B 36 20.80 20.71 12.05
C GLY B 36 21.15 22.05 11.44
N THR B 37 21.32 22.09 10.11
CA THR B 37 21.71 23.32 9.37
C THR B 37 20.49 23.92 8.67
N ALA B 38 20.44 25.24 8.55
CA ALA B 38 19.55 25.96 7.61
C ALA B 38 19.91 25.52 6.19
N SER B 39 18.93 25.52 5.27
CA SER B 39 19.10 25.09 3.87
C SER B 39 18.41 26.08 2.93
N ALA B 40 18.69 25.96 1.62
CA ALA B 40 18.18 26.85 0.56
C ALA B 40 17.58 26.00 -0.56
N PRO B 41 16.49 25.25 -0.28
CA PRO B 41 15.85 24.45 -1.32
C PRO B 41 15.20 25.38 -2.35
N GLU B 42 14.99 24.85 -3.55
CA GLU B 42 14.40 25.58 -4.71
C GLU B 42 12.95 25.07 -4.92
N PHE B 43 12.04 25.99 -5.22
CA PHE B 43 10.64 25.67 -5.63
C PHE B 43 10.54 25.72 -7.15
N ARG B 44 9.97 24.67 -7.74
CA ARG B 44 9.71 24.57 -9.20
C ARG B 44 8.20 24.51 -9.39
N LEU B 45 7.61 25.61 -9.86
CA LEU B 45 6.15 25.80 -10.03
C LEU B 45 5.76 25.20 -11.38
N ILE B 46 5.04 24.08 -11.37
CA ILE B 46 4.75 23.29 -12.60
C ILE B 46 3.58 23.93 -13.36
N ASP B 47 3.81 24.29 -14.63
CA ASP B 47 2.76 24.81 -15.54
C ASP B 47 1.86 23.63 -15.92
N ILE B 48 0.63 23.60 -15.40
CA ILE B 48 -0.35 22.49 -15.63
C ILE B 48 -1.47 22.97 -16.56
N ASP B 49 -1.30 24.12 -17.23
CA ASP B 49 -2.33 24.75 -18.11
C ASP B 49 -2.72 23.77 -19.23
N GLY B 50 -1.78 22.98 -19.73
CA GLY B 50 -2.00 22.00 -20.81
C GLY B 50 -2.80 20.79 -20.37
N LEU B 51 -2.97 20.58 -19.05
CA LEU B 51 -3.63 19.38 -18.48
C LEU B 51 -5.00 19.71 -17.87
N LEU B 52 -5.41 20.98 -17.85
CA LEU B 52 -6.69 21.41 -17.26
C LEU B 52 -7.82 20.77 -18.07
N ASN B 53 -8.70 19.99 -17.41
CA ASN B 53 -9.70 19.12 -18.10
C ASN B 53 -11.08 19.22 -17.43
N ASN B 54 -11.26 20.16 -16.50
CA ASN B 54 -12.45 20.20 -15.61
C ASN B 54 -12.65 21.63 -15.11
N ARG B 55 -13.92 22.04 -14.94
CA ARG B 55 -14.31 23.33 -14.33
C ARG B 55 -14.76 23.08 -12.89
N ALA B 56 -13.95 23.48 -11.90
CA ALA B 56 -14.23 23.38 -10.45
C ALA B 56 -14.57 24.77 -9.88
N THR B 57 -14.44 25.82 -10.70
CA THR B 57 -14.59 27.24 -10.28
C THR B 57 -15.47 27.97 -11.30
N THR B 58 -16.43 28.78 -10.83
CA THR B 58 -17.34 29.55 -11.70
C THR B 58 -17.53 30.98 -11.17
N ASP B 59 -17.84 31.89 -12.08
CA ASP B 59 -18.41 33.21 -11.70
CA ASP B 59 -18.42 33.23 -11.80
C ASP B 59 -19.94 33.06 -11.68
N VAL B 60 -20.64 34.14 -11.31
CA VAL B 60 -22.13 34.11 -11.16
C VAL B 60 -22.77 33.97 -12.55
N ARG B 61 -22.10 34.40 -13.62
CA ARG B 61 -22.65 34.35 -15.01
C ARG B 61 -22.62 32.93 -15.57
N ASP B 62 -21.75 32.05 -15.08
CA ASP B 62 -21.57 30.67 -15.64
C ASP B 62 -21.65 29.64 -14.51
N LEU B 63 -22.56 29.83 -13.55
CA LEU B 63 -22.82 28.88 -12.44
C LEU B 63 -23.06 27.47 -12.99
N GLY B 64 -23.75 27.38 -14.13
CA GLY B 64 -24.16 26.11 -14.77
C GLY B 64 -22.98 25.30 -15.31
N SER B 65 -21.80 25.89 -15.43
CA SER B 65 -20.55 25.24 -15.94
C SER B 65 -19.83 24.48 -14.83
N GLY B 66 -20.23 24.68 -13.56
CA GLY B 66 -19.58 24.06 -12.39
C GLY B 66 -19.61 22.54 -12.46
N ARG B 67 -18.45 21.90 -12.25
CA ARG B 67 -18.31 20.42 -12.29
C ARG B 67 -17.27 19.98 -11.25
N LEU B 68 -17.24 20.65 -10.09
CA LEU B 68 -16.38 20.26 -8.93
C LEU B 68 -16.87 18.89 -8.41
N ASN B 69 -18.16 18.62 -8.55
CA ASN B 69 -18.80 17.36 -8.06
C ASN B 69 -19.91 16.96 -9.02
N ALA B 70 -20.57 15.84 -8.75
CA ALA B 70 -21.67 15.29 -9.56
C ALA B 70 -22.86 16.27 -9.56
N TRP B 71 -22.99 17.10 -8.52
CA TRP B 71 -24.15 18.01 -8.30
C TRP B 71 -23.98 19.35 -9.03
N GLY B 72 -22.83 19.59 -9.66
CA GLY B 72 -22.57 20.81 -10.43
C GLY B 72 -22.24 22.00 -9.54
N ASN B 73 -21.76 21.74 -8.32
CA ASN B 73 -21.19 22.78 -7.42
C ASN B 73 -19.85 23.26 -7.98
N SER B 74 -19.32 24.35 -7.43
CA SER B 74 -18.00 24.92 -7.81
C SER B 74 -17.56 25.93 -6.76
N PHE B 75 -16.25 26.19 -6.70
CA PHE B 75 -15.65 27.30 -5.93
C PHE B 75 -16.14 28.62 -6.51
N PRO B 76 -16.35 29.66 -5.68
CA PRO B 76 -16.58 31.01 -6.17
C PRO B 76 -15.27 31.67 -6.64
N ALA B 77 -15.19 32.02 -7.93
CA ALA B 77 -14.01 32.65 -8.57
C ALA B 77 -13.65 33.92 -7.80
N ALA B 78 -14.65 34.63 -7.26
CA ALA B 78 -14.48 35.95 -6.60
C ALA B 78 -13.71 35.83 -5.28
N GLU B 79 -13.53 34.61 -4.74
CA GLU B 79 -12.80 34.38 -3.46
C GLU B 79 -11.50 33.62 -3.70
N LEU B 80 -11.08 33.47 -4.96
CA LEU B 80 -9.85 32.75 -5.34
C LEU B 80 -8.92 33.68 -6.12
N PRO B 81 -7.61 33.36 -6.20
CA PRO B 81 -6.65 34.19 -6.93
C PRO B 81 -6.96 34.38 -8.41
N ALA B 82 -6.36 35.40 -9.02
CA ALA B 82 -6.46 35.71 -10.46
C ALA B 82 -5.69 34.66 -11.26
N PRO B 83 -6.28 34.10 -12.33
CA PRO B 83 -5.54 33.24 -13.26
C PRO B 83 -4.18 33.84 -13.67
N GLY B 84 -3.12 33.03 -13.59
CA GLY B 84 -1.75 33.40 -13.98
C GLY B 84 -0.95 34.01 -12.84
N SER B 85 -1.59 34.36 -11.73
CA SER B 85 -0.94 35.11 -10.61
C SER B 85 -0.02 34.18 -9.81
N LEU B 86 1.03 34.74 -9.21
CA LEU B 86 1.92 34.07 -8.23
C LEU B 86 1.32 34.27 -6.85
N ILE B 87 1.14 33.18 -6.09
CA ILE B 87 0.61 33.21 -4.70
C ILE B 87 1.58 32.43 -3.81
N THR B 88 1.47 32.60 -2.49
CA THR B 88 2.08 31.70 -1.48
C THR B 88 0.96 31.20 -0.56
N VAL B 89 1.06 29.94 -0.16
CA VAL B 89 0.17 29.28 0.84
C VAL B 89 1.08 28.63 1.88
N ALA B 90 1.01 29.10 3.12
CA ALA B 90 1.91 28.71 4.24
C ALA B 90 3.37 28.81 3.80
N GLY B 91 3.73 29.84 3.02
CA GLY B 91 5.10 30.13 2.59
C GLY B 91 5.49 29.45 1.29
N ILE B 92 4.70 28.47 0.82
CA ILE B 92 4.98 27.68 -0.40
C ILE B 92 4.44 28.43 -1.60
N PRO B 93 5.26 28.75 -2.63
CA PRO B 93 4.79 29.44 -3.83
C PRO B 93 4.03 28.53 -4.80
N PHE B 94 2.98 29.06 -5.43
CA PHE B 94 2.23 28.41 -6.53
C PHE B 94 1.89 29.44 -7.61
N THR B 95 1.81 29.00 -8.85
CA THR B 95 1.25 29.76 -9.99
C THR B 95 -0.22 29.36 -10.13
N TRP B 96 -1.14 30.33 -10.15
CA TRP B 96 -2.58 30.07 -10.35
C TRP B 96 -2.82 29.77 -11.84
N ALA B 97 -3.55 28.70 -12.13
CA ALA B 97 -3.79 28.18 -13.50
C ALA B 97 -4.36 29.28 -14.39
N ASN B 98 -3.88 29.36 -15.64
CA ASN B 98 -4.48 30.18 -16.72
C ASN B 98 -5.64 29.39 -17.32
N ALA B 99 -6.80 29.45 -16.67
CA ALA B 99 -8.01 28.66 -17.00
C ALA B 99 -8.52 29.04 -18.40
N HIS B 100 -9.11 28.06 -19.11
CA HIS B 100 -9.96 28.28 -20.32
C HIS B 100 -11.42 27.97 -19.93
N ALA B 101 -12.34 28.03 -20.89
CA ALA B 101 -13.79 27.82 -20.68
C ALA B 101 -14.07 26.38 -20.22
N ARG B 102 -13.20 25.42 -20.60
CA ARG B 102 -13.38 23.97 -20.36
C ARG B 102 -12.33 23.41 -19.37
N GLY B 103 -11.58 24.26 -18.65
CA GLY B 103 -10.59 23.79 -17.66
C GLY B 103 -10.06 24.88 -16.75
N ASP B 104 -10.11 24.66 -15.43
CA ASP B 104 -9.45 25.51 -14.40
C ASP B 104 -8.70 24.65 -13.36
N ASN B 105 -8.72 23.33 -13.51
CA ASN B 105 -7.99 22.40 -12.61
C ASN B 105 -7.80 21.06 -13.33
N ILE B 106 -6.94 20.19 -12.80
CA ILE B 106 -6.80 18.78 -13.25
C ILE B 106 -7.73 17.93 -12.38
N ARG B 107 -8.78 17.38 -12.97
CA ARG B 107 -9.56 16.26 -12.37
C ARG B 107 -8.79 14.97 -12.70
N CYS B 108 -8.37 14.24 -11.67
CA CYS B 108 -7.30 13.23 -11.76
C CYS B 108 -7.76 12.00 -12.54
N GLU B 109 -7.08 11.72 -13.65
CA GLU B 109 -7.34 10.56 -14.55
C GLU B 109 -6.01 9.91 -14.94
N GLY B 110 -5.06 9.82 -14.00
CA GLY B 110 -3.76 9.18 -14.21
C GLY B 110 -2.89 9.94 -15.20
N GLN B 111 -3.02 11.27 -15.26
CA GLN B 111 -2.20 12.13 -16.13
C GLN B 111 -0.73 12.00 -15.72
N VAL B 112 0.16 11.83 -16.70
CA VAL B 112 1.64 11.89 -16.49
C VAL B 112 2.06 13.35 -16.64
N VAL B 113 2.63 13.92 -15.59
CA VAL B 113 3.10 15.33 -15.53
C VAL B 113 4.63 15.30 -15.60
N ASP B 114 5.20 15.79 -16.70
CA ASP B 114 6.67 15.95 -16.86
C ASP B 114 7.13 17.05 -15.90
N ILE B 115 8.17 16.76 -15.11
CA ILE B 115 8.79 17.75 -14.18
C ILE B 115 10.24 17.94 -14.62
N PRO B 116 10.89 19.09 -14.29
CA PRO B 116 12.29 19.29 -14.61
C PRO B 116 13.09 18.18 -13.92
N PRO B 117 14.03 17.48 -14.61
CA PRO B 117 14.85 16.47 -13.97
C PRO B 117 15.55 17.04 -12.73
N GLY B 118 15.58 16.27 -11.63
CA GLY B 118 16.33 16.66 -10.42
C GLY B 118 16.06 15.77 -9.23
N GLN B 119 16.73 16.04 -8.12
CA GLN B 119 16.54 15.36 -6.82
C GLN B 119 15.61 16.22 -5.97
N TYR B 120 14.48 15.65 -5.54
CA TYR B 120 13.39 16.37 -4.84
C TYR B 120 13.22 15.81 -3.43
N ASP B 121 12.66 16.63 -2.54
CA ASP B 121 12.23 16.24 -1.17
C ASP B 121 10.70 16.08 -1.13
N TRP B 122 9.96 17.06 -1.67
CA TRP B 122 8.49 17.18 -1.46
C TRP B 122 7.77 17.56 -2.76
N ILE B 123 6.59 16.97 -2.96
CA ILE B 123 5.52 17.46 -3.88
C ILE B 123 4.53 18.24 -3.02
N TYR B 124 4.20 19.47 -3.43
CA TYR B 124 3.14 20.30 -2.81
C TYR B 124 2.00 20.45 -3.83
N LEU B 125 0.78 20.12 -3.42
CA LEU B 125 -0.44 20.25 -4.25
C LEU B 125 -1.45 21.15 -3.54
N LEU B 126 -2.08 22.05 -4.29
CA LEU B 126 -3.36 22.68 -3.90
C LEU B 126 -4.46 21.81 -4.49
N ALA B 127 -5.30 21.21 -3.64
CA ALA B 127 -6.19 20.10 -4.05
C ALA B 127 -7.44 20.05 -3.17
N ALA B 128 -8.48 19.42 -3.71
CA ALA B 128 -9.74 19.10 -3.01
C ALA B 128 -10.31 17.82 -3.61
N SER B 129 -11.12 17.10 -2.84
CA SER B 129 -11.72 15.80 -3.23
C SER B 129 -13.23 15.84 -2.98
N GLU B 130 -13.99 15.16 -3.83
CA GLU B 130 -15.46 14.97 -3.71
C GLU B 130 -15.70 13.91 -2.62
N ARG B 131 -15.75 14.35 -1.36
CA ARG B 131 -15.49 13.55 -0.12
C ARG B 131 -13.98 13.27 -0.05
N ARG B 132 -13.43 13.25 1.16
CA ARG B 132 -12.01 12.92 1.39
C ARG B 132 -11.71 11.54 0.78
N SER B 133 -10.50 11.39 0.25
CA SER B 133 -10.04 10.12 -0.36
C SER B 133 -8.51 10.07 -0.33
N GLU B 134 -7.94 8.90 -0.61
CA GLU B 134 -6.47 8.72 -0.64
C GLU B 134 -6.14 7.82 -1.84
N ASP B 135 -5.00 8.07 -2.45
CA ASP B 135 -4.59 7.35 -3.69
C ASP B 135 -3.08 7.44 -3.83
N THR B 136 -2.58 7.26 -5.05
CA THR B 136 -1.14 7.12 -5.37
C THR B 136 -0.74 8.19 -6.40
N ILE B 137 0.30 8.95 -6.07
CA ILE B 137 1.15 9.68 -7.06
C ILE B 137 2.35 8.79 -7.33
N TRP B 138 2.55 8.37 -8.58
CA TRP B 138 3.78 7.63 -9.01
C TRP B 138 4.86 8.64 -9.36
N ALA B 139 6.04 8.52 -8.73
CA ALA B 139 7.25 9.29 -9.09
C ALA B 139 8.13 8.39 -9.97
N HIS B 140 8.39 8.83 -11.21
CA HIS B 140 9.18 8.10 -12.23
C HIS B 140 10.61 8.63 -12.27
N TYR B 141 11.59 7.75 -12.07
CA TYR B 141 13.04 8.08 -12.00
C TYR B 141 13.73 7.59 -13.27
N ASP B 142 14.87 8.21 -13.59
CA ASP B 142 15.56 8.06 -14.91
C ASP B 142 16.19 6.66 -15.04
N ASP B 143 16.24 5.86 -13.97
CA ASP B 143 16.79 4.48 -14.00
C ASP B 143 15.67 3.45 -14.21
N GLY B 144 14.41 3.89 -14.34
CA GLY B 144 13.25 3.01 -14.61
C GLY B 144 12.51 2.63 -13.33
N HIS B 145 12.99 3.03 -12.15
CA HIS B 145 12.27 2.86 -10.87
C HIS B 145 11.09 3.85 -10.85
N ALA B 146 9.90 3.34 -10.57
CA ALA B 146 8.68 4.14 -10.28
C ALA B 146 8.27 3.86 -8.84
N ASP B 147 8.16 4.90 -8.01
CA ASP B 147 7.79 4.79 -6.57
C ASP B 147 6.33 5.22 -6.40
N PRO B 148 5.46 4.34 -5.86
CA PRO B 148 4.11 4.73 -5.48
C PRO B 148 4.13 5.55 -4.19
N LEU B 149 3.69 6.80 -4.24
CA LEU B 149 3.69 7.74 -3.07
C LEU B 149 2.25 7.98 -2.63
N ARG B 150 1.94 7.71 -1.36
CA ARG B 150 0.57 7.87 -0.79
C ARG B 150 0.22 9.36 -0.76
N VAL B 151 -0.96 9.74 -1.26
CA VAL B 151 -1.50 11.13 -1.17
C VAL B 151 -2.93 11.05 -0.64
N GLY B 152 -3.22 11.83 0.39
CA GLY B 152 -4.59 12.05 0.90
C GLY B 152 -5.06 13.44 0.55
N ILE B 153 -6.30 13.58 0.09
CA ILE B 153 -6.92 14.89 -0.26
C ILE B 153 -8.27 14.98 0.46
N SER B 154 -8.47 16.03 1.22
CA SER B 154 -9.68 16.25 2.07
C SER B 154 -10.78 16.92 1.25
N ASP B 155 -11.98 16.98 1.84
CA ASP B 155 -13.26 17.32 1.17
C ASP B 155 -13.26 18.80 0.75
N PHE B 156 -13.89 19.11 -0.39
CA PHE B 156 -14.16 20.50 -0.86
C PHE B 156 -15.35 21.09 -0.07
N LEU B 157 -16.24 20.23 0.43
CA LEU B 157 -17.53 20.65 1.05
C LEU B 157 -17.30 20.91 2.54
N ASP B 158 -16.92 22.14 2.88
CA ASP B 158 -16.64 22.59 4.27
C ASP B 158 -15.88 21.47 5.00
N GLY B 159 -14.73 21.07 4.44
CA GLY B 159 -14.02 19.84 4.84
C GLY B 159 -13.25 20.02 6.14
N THR B 160 -13.01 18.90 6.83
CA THR B 160 -12.06 18.75 7.96
C THR B 160 -10.81 18.07 7.41
N PRO B 161 -9.59 18.59 7.67
CA PRO B 161 -8.37 17.92 7.20
C PRO B 161 -8.27 16.53 7.86
N ALA B 162 -8.18 15.48 7.02
CA ALA B 162 -8.09 14.07 7.48
C ALA B 162 -6.63 13.60 7.46
N PHE B 163 -5.73 14.33 6.79
CA PHE B 163 -4.35 13.88 6.51
C PHE B 163 -3.32 14.88 7.05
N GLY B 164 -3.75 15.75 7.97
CA GLY B 164 -2.90 16.80 8.56
C GLY B 164 -2.39 17.76 7.51
N GLU B 165 -3.21 18.03 6.49
CA GLU B 165 -2.93 19.09 5.48
C GLU B 165 -3.13 20.45 6.13
N LEU B 166 -2.66 21.50 5.46
CA LEU B 166 -2.89 22.91 5.83
C LEU B 166 -4.02 23.45 4.96
N SER B 167 -4.79 24.40 5.49
CA SER B 167 -5.86 25.11 4.74
C SER B 167 -5.22 26.03 3.70
N ALA B 168 -5.59 25.86 2.42
CA ALA B 168 -5.15 26.73 1.30
C ALA B 168 -6.16 27.86 1.15
N PHE B 169 -7.43 27.51 0.90
CA PHE B 169 -8.56 28.46 0.78
C PHE B 169 -9.76 27.89 1.54
N ARG B 170 -10.44 28.77 2.28
CA ARG B 170 -11.74 28.48 2.93
C ARG B 170 -12.68 29.64 2.56
N THR B 171 -13.45 29.48 1.50
CA THR B 171 -14.36 30.52 0.96
C THR B 171 -15.53 30.69 1.94
N SER B 172 -16.24 31.81 1.88
CA SER B 172 -17.46 32.07 2.68
C SER B 172 -18.66 31.43 1.97
N ARG B 173 -18.60 31.33 0.63
CA ARG B 173 -19.76 30.90 -0.22
C ARG B 173 -19.37 29.70 -1.07
N MET B 174 -20.38 29.01 -1.59
CA MET B 174 -20.26 27.92 -2.59
C MET B 174 -21.22 28.24 -3.75
N HIS B 175 -20.84 27.88 -4.97
CA HIS B 175 -21.68 28.02 -6.18
C HIS B 175 -22.45 26.72 -6.39
N TYR B 176 -23.74 26.86 -6.69
CA TYR B 176 -24.65 25.80 -7.18
C TYR B 176 -24.98 26.12 -8.63
N PRO B 177 -25.49 25.14 -9.42
CA PRO B 177 -25.85 25.39 -10.82
C PRO B 177 -26.74 26.63 -11.04
N HIS B 178 -27.63 26.94 -10.10
CA HIS B 178 -28.68 27.99 -10.26
C HIS B 178 -28.51 29.15 -9.27
N HIS B 179 -27.59 29.09 -8.30
CA HIS B 179 -27.48 30.16 -7.27
C HIS B 179 -26.13 30.13 -6.56
N VAL B 180 -25.77 31.29 -6.00
CA VAL B 180 -24.69 31.48 -4.99
C VAL B 180 -25.27 31.06 -3.64
N GLN B 181 -24.55 30.23 -2.88
CA GLN B 181 -24.96 29.81 -1.51
C GLN B 181 -24.10 30.54 -0.48
N GLU B 182 -24.69 31.47 0.28
CA GLU B 182 -24.01 32.19 1.39
C GLU B 182 -23.84 31.23 2.57
N GLY B 183 -22.80 31.46 3.38
CA GLY B 183 -22.54 30.72 4.64
C GLY B 183 -22.32 29.23 4.43
N LEU B 184 -21.71 28.84 3.30
CA LEU B 184 -21.29 27.44 3.04
C LEU B 184 -19.88 27.44 2.47
N PRO B 185 -18.85 27.23 3.33
CA PRO B 185 -17.46 27.26 2.88
C PRO B 185 -17.11 26.17 1.87
N THR B 186 -16.37 26.56 0.82
CA THR B 186 -15.68 25.65 -0.13
C THR B 186 -14.21 25.61 0.28
N THR B 187 -13.67 24.42 0.56
CA THR B 187 -12.33 24.23 1.17
C THR B 187 -11.36 23.63 0.15
N MET B 188 -10.20 24.27 -0.02
CA MET B 188 -9.05 23.74 -0.78
C MET B 188 -7.90 23.54 0.20
N TRP B 189 -7.07 22.51 -0.03
CA TRP B 189 -6.01 22.06 0.91
C TRP B 189 -4.64 22.17 0.27
N LEU B 190 -3.63 22.47 1.10
CA LEU B 190 -2.20 22.33 0.78
C LEU B 190 -1.76 20.97 1.34
N THR B 191 -1.53 20.00 0.46
CA THR B 191 -1.07 18.63 0.83
C THR B 191 0.37 18.46 0.36
N ARG B 192 1.20 17.77 1.15
CA ARG B 192 2.61 17.49 0.79
C ARG B 192 2.81 15.98 0.70
N VAL B 193 3.64 15.55 -0.24
CA VAL B 193 3.98 14.13 -0.48
C VAL B 193 5.50 14.01 -0.56
N GLY B 194 6.10 13.20 0.31
CA GLY B 194 7.56 13.00 0.36
C GLY B 194 8.03 12.21 -0.85
N MET B 195 9.23 12.53 -1.34
CA MET B 195 9.91 11.78 -2.43
C MET B 195 11.23 11.25 -1.86
N PRO B 196 11.19 10.13 -1.10
CA PRO B 196 12.36 9.69 -0.32
C PRO B 196 13.56 9.21 -1.15
N ARG B 197 13.32 8.67 -2.35
CA ARG B 197 14.38 8.05 -3.20
C ARG B 197 15.47 9.10 -3.50
N HIS B 198 16.74 8.76 -3.26
CA HIS B 198 17.90 9.52 -3.76
C HIS B 198 18.11 9.11 -5.23
N GLY B 199 17.55 9.90 -6.15
CA GLY B 199 17.56 9.63 -7.59
C GLY B 199 16.94 10.79 -8.35
N VAL B 200 17.11 10.81 -9.66
CA VAL B 200 16.63 11.91 -10.56
C VAL B 200 15.22 11.55 -11.02
N ALA B 201 14.22 12.30 -10.52
CA ALA B 201 12.80 12.17 -10.93
C ALA B 201 12.59 12.97 -12.22
N ARG B 202 11.82 12.42 -13.16
CA ARG B 202 11.57 13.01 -14.51
C ARG B 202 10.08 13.31 -14.71
N SER B 203 9.18 12.58 -14.04
CA SER B 203 7.71 12.74 -14.21
C SER B 203 6.95 12.18 -13.01
N LEU B 204 5.70 12.62 -12.85
CA LEU B 204 4.75 12.12 -11.84
C LEU B 204 3.50 11.62 -12.58
N ARG B 205 2.88 10.53 -12.12
CA ARG B 205 1.49 10.22 -12.52
C ARG B 205 0.55 10.62 -11.39
N LEU B 206 -0.45 11.44 -11.70
CA LEU B 206 -1.52 11.83 -10.75
C LEU B 206 -2.41 10.62 -10.51
N PRO B 207 -3.21 10.60 -9.42
CA PRO B 207 -4.16 9.52 -9.16
C PRO B 207 -5.14 9.28 -10.32
N ARG B 208 -5.63 8.05 -10.45
CA ARG B 208 -6.73 7.67 -11.37
C ARG B 208 -8.04 7.74 -10.58
N SER B 209 -8.50 8.95 -10.23
CA SER B 209 -9.69 9.15 -9.38
C SER B 209 -10.41 10.46 -9.71
N VAL B 210 -11.62 10.35 -10.27
CA VAL B 210 -12.51 11.49 -10.67
C VAL B 210 -12.83 12.36 -9.45
N ALA B 211 -12.76 11.81 -8.23
CA ALA B 211 -13.07 12.55 -6.98
C ALA B 211 -12.02 13.64 -6.74
N MET B 212 -10.80 13.48 -7.22
CA MET B 212 -9.62 14.31 -6.84
C MET B 212 -9.37 15.41 -7.87
N HIS B 213 -9.08 16.62 -7.37
CA HIS B 213 -8.87 17.87 -8.14
C HIS B 213 -7.55 18.51 -7.73
N VAL B 214 -6.68 18.81 -8.69
CA VAL B 214 -5.38 19.51 -8.45
C VAL B 214 -5.45 20.87 -9.14
N PHE B 215 -5.32 21.95 -8.36
CA PHE B 215 -5.39 23.36 -8.82
C PHE B 215 -3.99 23.91 -9.10
N ALA B 216 -2.97 23.40 -8.40
CA ALA B 216 -1.56 23.83 -8.57
C ALA B 216 -0.62 22.74 -8.04
N LEU B 217 0.60 22.72 -8.58
CA LEU B 217 1.63 21.71 -8.30
C LEU B 217 2.98 22.43 -8.20
N THR B 218 3.63 22.36 -7.04
CA THR B 218 4.99 22.92 -6.81
C THR B 218 5.89 21.82 -6.24
N LEU B 219 7.06 21.63 -6.85
CA LEU B 219 8.10 20.67 -6.40
C LEU B 219 9.15 21.41 -5.59
N ARG B 220 9.63 20.79 -4.52
CA ARG B 220 10.70 21.34 -3.64
C ARG B 220 11.94 20.47 -3.79
N THR B 221 13.05 21.04 -4.29
CA THR B 221 14.31 20.30 -4.57
C THR B 221 14.93 19.84 -3.26
N ALA B 222 15.75 18.79 -3.33
CA ALA B 222 16.59 18.29 -2.23
C ALA B 222 17.58 19.40 -1.84
N ALA B 223 17.85 19.52 -0.54
CA ALA B 223 18.83 20.46 0.02
C ALA B 223 19.52 19.78 1.20
N ALA B 224 20.81 19.49 1.06
CA ALA B 224 21.63 18.81 2.09
C ALA B 224 21.40 19.52 3.43
N VAL B 225 20.84 18.80 4.41
CA VAL B 225 20.73 19.23 5.83
C VAL B 225 21.56 18.25 6.66
N ARG B 226 22.49 18.78 7.46
CA ARG B 226 23.48 17.96 8.20
C ARG B 226 23.59 18.46 9.64
N LEU B 227 24.25 17.68 10.50
CA LEU B 227 24.70 18.09 11.86
C LEU B 227 25.49 19.40 11.72
N ALA B 228 25.09 20.44 12.46
CA ALA B 228 25.69 21.80 12.39
C ALA B 228 27.15 21.74 12.85
N GLU B 229 28.06 22.35 12.06
CA GLU B 229 29.53 22.38 12.30
C GLU B 229 29.85 23.55 13.25
N VAL C 23 -30.34 20.67 22.54
CA VAL C 23 -30.36 19.98 21.22
C VAL C 23 -29.10 20.37 20.44
N GLU C 24 -28.18 19.43 20.24
CA GLU C 24 -26.81 19.67 19.71
C GLU C 24 -26.73 19.26 18.23
N LEU C 25 -26.26 20.19 17.39
CA LEU C 25 -25.87 19.92 15.97
C LEU C 25 -24.66 18.98 15.99
N TRP C 26 -24.73 17.88 15.23
CA TRP C 26 -23.66 16.86 15.15
C TRP C 26 -23.68 16.21 13.76
N THR C 27 -22.55 16.26 13.06
CA THR C 27 -22.35 15.52 11.80
C THR C 27 -20.85 15.36 11.55
N ARG C 28 -20.52 14.69 10.44
CA ARG C 28 -19.12 14.46 9.97
C ARG C 28 -19.12 14.65 8.45
N ASP C 29 -17.98 14.94 7.84
CA ASP C 29 -17.93 15.31 6.41
C ASP C 29 -18.31 14.11 5.54
N LEU C 30 -18.18 12.87 6.04
CA LEU C 30 -18.61 11.64 5.31
C LEU C 30 -20.06 11.28 5.65
N GLY C 31 -20.68 11.97 6.61
CA GLY C 31 -21.97 11.58 7.19
C GLY C 31 -23.17 12.22 6.50
N SER C 32 -24.34 11.59 6.60
CA SER C 32 -25.63 12.13 6.12
C SER C 32 -26.49 12.53 7.32
N CYS C 33 -27.71 13.00 7.04
CA CYS C 33 -28.75 13.34 8.04
C CYS C 33 -29.12 12.11 8.88
N LEU C 34 -28.80 10.90 8.41
CA LEU C 34 -29.13 9.64 9.15
C LEU C 34 -28.35 9.59 10.47
N HIS C 35 -27.02 9.55 10.42
CA HIS C 35 -26.15 9.55 11.63
C HIS C 35 -26.35 10.87 12.39
N GLY C 36 -26.51 11.97 11.67
CA GLY C 36 -26.62 13.32 12.27
C GLY C 36 -27.81 13.43 13.21
N THR C 37 -29.01 13.08 12.75
CA THR C 37 -30.27 13.20 13.54
C THR C 37 -30.23 12.23 14.72
N LEU C 38 -29.77 11.00 14.50
CA LEU C 38 -29.62 9.97 15.56
C LEU C 38 -28.63 10.47 16.62
N ALA C 39 -27.52 11.11 16.21
CA ALA C 39 -26.49 11.65 17.12
C ALA C 39 -27.11 12.72 18.02
N THR C 40 -27.90 13.64 17.45
CA THR C 40 -28.63 14.68 18.22
C THR C 40 -29.52 14.00 19.28
N ALA C 41 -30.28 12.97 18.91
CA ALA C 41 -31.18 12.24 19.82
C ALA C 41 -30.36 11.56 20.94
N LEU C 42 -29.23 10.94 20.60
CA LEU C 42 -28.33 10.28 21.58
C LEU C 42 -27.74 11.33 22.53
N ILE C 43 -27.25 12.45 22.02
CA ILE C 43 -26.61 13.52 22.84
C ILE C 43 -27.63 14.05 23.86
N ARG C 44 -28.89 14.26 23.45
CA ARG C 44 -29.98 14.75 24.33
C ARG C 44 -30.12 13.83 25.55
N ASP C 45 -29.96 12.52 25.36
CA ASP C 45 -30.14 11.48 26.41
C ASP C 45 -28.79 11.17 27.09
N GLY C 46 -27.75 11.98 26.83
CA GLY C 46 -26.44 11.91 27.53
C GLY C 46 -25.55 10.78 27.03
N HIS C 47 -25.73 10.34 25.78
CA HIS C 47 -24.95 9.23 25.17
C HIS C 47 -23.92 9.81 24.18
N ASP C 48 -22.78 9.11 24.05
CA ASP C 48 -21.67 9.47 23.13
C ASP C 48 -21.97 8.88 21.76
N PRO C 49 -22.29 9.71 20.73
CA PRO C 49 -22.65 9.18 19.42
C PRO C 49 -21.50 8.47 18.71
N VAL C 50 -20.25 8.87 18.98
CA VAL C 50 -19.04 8.19 18.41
C VAL C 50 -19.01 6.75 18.93
N THR C 51 -19.27 6.53 20.22
CA THR C 51 -19.29 5.19 20.85
C THR C 51 -20.47 4.38 20.30
N VAL C 52 -21.68 4.95 20.29
CA VAL C 52 -22.94 4.23 19.95
C VAL C 52 -22.99 3.93 18.44
N LEU C 53 -22.74 4.93 17.59
CA LEU C 53 -22.90 4.81 16.12
C LEU C 53 -21.57 4.43 15.46
N GLY C 54 -20.45 4.56 16.18
CA GLY C 54 -19.10 4.26 15.66
C GLY C 54 -18.66 2.84 15.95
N ALA C 55 -19.19 2.19 16.99
CA ALA C 55 -18.81 0.81 17.38
C ALA C 55 -19.15 -0.16 16.24
N PRO C 56 -20.38 -0.14 15.69
CA PRO C 56 -20.73 -1.04 14.59
C PRO C 56 -19.98 -0.71 13.30
N TRP C 57 -19.60 -1.74 12.54
CA TRP C 57 -19.00 -1.61 11.19
C TRP C 57 -19.32 -2.87 10.38
N GLU C 58 -20.12 -2.71 9.32
CA GLU C 58 -20.53 -3.85 8.46
C GLU C 58 -20.77 -3.35 7.04
N PHE C 59 -20.89 -4.30 6.11
CA PHE C 59 -21.43 -4.08 4.76
C PHE C 59 -22.58 -5.05 4.54
N ARG C 60 -23.76 -4.52 4.20
CA ARG C 60 -24.92 -5.34 3.76
C ARG C 60 -25.62 -4.64 2.60
N ARG C 61 -26.05 -5.43 1.62
CA ARG C 61 -26.87 -4.98 0.47
C ARG C 61 -27.90 -6.07 0.18
N ARG C 62 -29.18 -5.72 0.27
CA ARG C 62 -30.33 -6.58 -0.10
C ARG C 62 -30.88 -6.08 -1.43
N PRO C 63 -30.75 -6.86 -2.53
CA PRO C 63 -31.34 -6.45 -3.82
C PRO C 63 -32.81 -6.07 -3.63
N GLY C 64 -33.19 -4.88 -4.09
CA GLY C 64 -34.58 -4.39 -4.10
C GLY C 64 -34.99 -3.63 -2.84
N ALA C 65 -34.13 -3.58 -1.81
CA ALA C 65 -34.46 -2.99 -0.49
C ALA C 65 -34.35 -1.47 -0.52
N TRP C 66 -33.37 -0.93 -1.27
CA TRP C 66 -33.01 0.50 -1.25
C TRP C 66 -34.20 1.36 -1.68
N SER C 67 -34.34 2.53 -1.06
CA SER C 67 -35.26 3.63 -1.45
C SER C 67 -34.40 4.84 -1.85
N SER C 68 -34.94 5.71 -2.70
CA SER C 68 -34.26 6.94 -3.17
C SER C 68 -34.35 7.99 -2.06
N GLU C 69 -33.57 7.79 -0.99
CA GLU C 69 -33.56 8.62 0.26
C GLU C 69 -32.11 8.77 0.73
N GLU C 70 -31.74 9.95 1.25
CA GLU C 70 -30.38 10.21 1.77
C GLU C 70 -30.09 9.28 2.95
N TYR C 71 -31.14 8.79 3.61
CA TYR C 71 -31.05 8.12 4.93
C TYR C 71 -31.35 6.62 4.80
N PHE C 72 -31.26 6.04 3.60
CA PHE C 72 -31.47 4.59 3.43
C PHE C 72 -30.30 3.82 4.07
N PHE C 73 -30.64 2.82 4.87
CA PHE C 73 -29.71 1.85 5.50
C PHE C 73 -30.46 0.53 5.67
N PHE C 74 -29.86 -0.57 5.25
CA PHE C 74 -30.48 -1.92 5.36
C PHE C 74 -30.38 -2.38 6.82
N ALA C 75 -31.51 -2.42 7.52
CA ALA C 75 -31.60 -2.60 8.98
C ALA C 75 -32.15 -4.00 9.33
N GLU C 76 -33.00 -4.58 8.49
CA GLU C 76 -33.72 -5.85 8.74
C GLU C 76 -32.74 -6.91 9.26
N PRO C 77 -33.09 -7.71 10.30
CA PRO C 77 -34.40 -7.65 10.97
C PRO C 77 -34.49 -6.62 12.11
N ASP C 78 -33.41 -5.88 12.38
CA ASP C 78 -33.36 -4.83 13.43
C ASP C 78 -34.14 -3.61 12.94
N SER C 79 -34.52 -2.73 13.86
CA SER C 79 -35.01 -1.36 13.54
C SER C 79 -33.85 -0.56 12.94
N LEU C 80 -34.16 0.56 12.29
CA LEU C 80 -33.14 1.44 11.65
C LEU C 80 -32.08 1.85 12.68
N ALA C 81 -32.51 2.47 13.78
CA ALA C 81 -31.62 2.90 14.89
C ALA C 81 -30.93 1.68 15.50
N GLY C 82 -31.66 0.58 15.67
CA GLY C 82 -31.13 -0.68 16.22
C GLY C 82 -29.91 -1.15 15.47
N ARG C 83 -29.97 -1.19 14.14
CA ARG C 83 -28.87 -1.71 13.30
C ARG C 83 -27.68 -0.73 13.33
N LEU C 84 -27.95 0.58 13.31
CA LEU C 84 -26.90 1.62 13.30
C LEU C 84 -26.21 1.70 14.67
N ALA C 85 -26.84 1.17 15.72
CA ALA C 85 -26.30 1.13 17.11
C ALA C 85 -26.33 -0.31 17.62
N LEU C 86 -25.77 -1.23 16.85
CA LEU C 86 -25.89 -2.71 16.98
C LEU C 86 -25.53 -3.20 18.39
N TYR C 87 -24.60 -2.54 19.09
CA TYR C 87 -24.05 -3.00 20.39
C TYR C 87 -24.72 -2.28 21.57
N HIS C 88 -25.75 -1.47 21.31
CA HIS C 88 -26.47 -0.67 22.33
C HIS C 88 -27.95 -1.00 22.29
N PRO C 89 -28.67 -0.89 23.44
CA PRO C 89 -30.12 -1.10 23.48
C PRO C 89 -30.86 0.14 22.95
N PHE C 90 -30.53 0.53 21.72
CA PHE C 90 -31.09 1.69 21.00
C PHE C 90 -32.03 1.14 19.94
N GLU C 91 -33.25 1.69 19.83
CA GLU C 91 -34.24 1.22 18.84
C GLU C 91 -35.05 2.41 18.32
N SER C 92 -35.66 2.23 17.15
CA SER C 92 -36.52 3.25 16.50
C SER C 92 -37.79 2.58 15.98
N THR C 93 -38.83 3.40 15.81
CA THR C 93 -40.09 3.03 15.13
C THR C 93 -40.42 4.14 14.12
N TRP C 94 -40.83 3.74 12.93
CA TRP C 94 -41.38 4.67 11.89
C TRP C 94 -42.86 4.93 12.19
N HIS C 95 -43.32 6.14 11.94
CA HIS C 95 -44.73 6.57 12.08
C HIS C 95 -45.13 7.38 10.85
N ARG C 96 -46.33 7.13 10.32
CA ARG C 96 -46.98 7.96 9.27
C ARG C 96 -48.11 8.73 9.95
N SER C 97 -47.98 10.05 10.05
CA SER C 97 -48.94 10.94 10.76
C SER C 97 -50.16 11.20 9.88
N ASP C 98 -51.36 10.87 10.39
CA ASP C 98 -52.66 11.16 9.74
C ASP C 98 -52.97 12.64 9.88
N GLY C 99 -53.87 13.18 9.04
CA GLY C 99 -54.39 14.55 9.14
C GLY C 99 -53.52 15.57 8.44
N ASP C 100 -53.64 16.84 8.83
CA ASP C 100 -53.09 18.02 8.10
C ASP C 100 -52.19 18.89 9.00
N GLY C 101 -52.09 18.58 10.30
CA GLY C 101 -51.39 19.41 11.30
C GLY C 101 -50.13 18.73 11.81
N VAL C 102 -49.68 19.10 13.02
CA VAL C 102 -48.48 18.53 13.70
C VAL C 102 -48.86 18.11 15.13
N ASP C 103 -50.12 17.75 15.39
CA ASP C 103 -50.62 17.38 16.74
C ASP C 103 -49.84 16.17 17.28
N ASP C 104 -49.56 15.17 16.44
CA ASP C 104 -48.79 13.95 16.82
C ASP C 104 -47.41 14.37 17.33
N LEU C 105 -46.77 15.33 16.65
CA LEU C 105 -45.40 15.82 16.98
C LEU C 105 -45.44 16.63 18.28
N ARG C 106 -46.47 17.47 18.47
CA ARG C 106 -46.71 18.22 19.74
C ARG C 106 -46.82 17.23 20.91
N GLU C 107 -47.60 16.16 20.74
CA GLU C 107 -47.84 15.12 21.77
C GLU C 107 -46.52 14.37 22.04
N ALA C 108 -45.75 14.05 21.01
CA ALA C 108 -44.45 13.36 21.12
C ALA C 108 -43.48 14.23 21.95
N LEU C 109 -43.37 15.51 21.61
CA LEU C 109 -42.46 16.48 22.28
C LEU C 109 -42.85 16.61 23.76
N ALA C 110 -44.16 16.67 24.05
CA ALA C 110 -44.72 16.80 25.41
C ALA C 110 -44.40 15.55 26.25
N ALA C 111 -44.19 14.40 25.60
CA ALA C 111 -43.84 13.11 26.24
C ALA C 111 -42.31 12.96 26.37
N GLY C 112 -41.54 13.97 25.94
CA GLY C 112 -40.07 14.00 26.05
C GLY C 112 -39.37 13.36 24.86
N VAL C 113 -40.10 13.10 23.78
CA VAL C 113 -39.57 12.47 22.53
C VAL C 113 -39.05 13.57 21.60
N LEU C 114 -37.95 13.29 20.91
CA LEU C 114 -37.38 14.18 19.85
CA LEU C 114 -37.38 14.18 19.85
C LEU C 114 -37.71 13.59 18.49
N PRO C 115 -38.83 14.00 17.84
CA PRO C 115 -39.16 13.48 16.51
C PRO C 115 -38.07 13.78 15.48
N ILE C 116 -37.73 12.78 14.67
CA ILE C 116 -36.88 12.95 13.46
C ILE C 116 -37.81 12.84 12.24
N ALA C 117 -38.03 13.97 11.55
CA ALA C 117 -39.07 14.13 10.51
C ALA C 117 -38.48 13.84 9.12
N ALA C 118 -39.18 13.03 8.33
CA ALA C 118 -38.90 12.81 6.89
C ALA C 118 -39.34 14.06 6.12
N VAL C 119 -38.39 14.76 5.51
CA VAL C 119 -38.62 16.10 4.89
C VAL C 119 -38.03 16.12 3.48
N ASP C 120 -38.55 17.00 2.63
CA ASP C 120 -38.05 17.29 1.27
C ASP C 120 -37.34 18.65 1.30
N ASN C 121 -36.04 18.68 1.00
CA ASN C 121 -35.19 19.90 1.07
C ASN C 121 -35.74 21.00 0.16
N PHE C 122 -36.45 20.62 -0.92
CA PHE C 122 -37.11 21.55 -1.87
C PHE C 122 -37.98 22.56 -1.10
N HIS C 123 -38.57 22.14 0.03
CA HIS C 123 -39.56 22.94 0.79
C HIS C 123 -38.99 23.50 2.10
N LEU C 124 -37.68 23.35 2.34
CA LEU C 124 -37.01 23.85 3.57
C LEU C 124 -36.26 25.15 3.25
N PRO C 125 -36.72 26.31 3.79
CA PRO C 125 -36.15 27.62 3.43
C PRO C 125 -34.64 27.79 3.64
N PHE C 126 -34.06 27.06 4.60
CA PHE C 126 -32.65 27.19 5.05
C PHE C 126 -31.73 26.25 4.24
N ARG C 127 -32.30 25.36 3.43
CA ARG C 127 -31.54 24.38 2.62
C ARG C 127 -31.17 25.02 1.28
N PRO C 128 -29.92 24.84 0.80
CA PRO C 128 -29.54 25.29 -0.54
C PRO C 128 -30.50 24.84 -1.65
N ALA C 129 -31.14 23.67 -1.48
CA ALA C 129 -32.03 23.03 -2.48
C ALA C 129 -33.42 23.70 -2.52
N PHE C 130 -33.70 24.68 -1.64
CA PHE C 130 -35.02 25.33 -1.47
C PHE C 130 -35.56 25.79 -2.84
N HIS C 131 -36.74 25.27 -3.22
CA HIS C 131 -37.47 25.59 -4.47
C HIS C 131 -36.54 25.42 -5.69
N ASP C 132 -35.59 24.48 -5.61
CA ASP C 132 -34.58 24.21 -6.67
C ASP C 132 -34.52 22.71 -6.97
N VAL C 133 -34.23 21.89 -5.96
CA VAL C 133 -34.02 20.41 -6.12
C VAL C 133 -34.80 19.67 -5.03
N HIS C 134 -35.50 18.60 -5.42
CA HIS C 134 -36.19 17.66 -4.50
C HIS C 134 -35.18 16.64 -3.97
N ALA C 135 -35.22 16.37 -2.65
CA ALA C 135 -34.34 15.39 -1.98
C ALA C 135 -34.98 14.95 -0.66
N ALA C 136 -35.12 13.63 -0.45
CA ALA C 136 -35.64 13.02 0.79
C ALA C 136 -34.56 13.07 1.88
N HIS C 137 -34.84 13.81 2.95
CA HIS C 137 -33.89 14.28 3.98
C HIS C 137 -34.51 14.01 5.37
N LEU C 138 -33.70 14.06 6.43
CA LEU C 138 -34.17 13.99 7.85
C LEU C 138 -33.71 15.25 8.58
N LEU C 139 -34.52 15.74 9.51
CA LEU C 139 -34.10 16.75 10.51
C LEU C 139 -34.76 16.43 11.86
N VAL C 140 -34.31 17.12 12.90
CA VAL C 140 -34.83 16.99 14.29
C VAL C 140 -35.85 18.12 14.50
N VAL C 141 -37.02 17.78 15.02
CA VAL C 141 -38.04 18.75 15.53
C VAL C 141 -37.88 18.80 17.06
N TYR C 142 -37.61 19.96 17.64
CA TYR C 142 -37.36 20.08 19.10
C TYR C 142 -38.35 21.00 19.83
N ARG C 143 -39.15 21.78 19.10
N ARG C 143 -39.15 21.77 19.10
CA ARG C 143 -40.17 22.69 19.69
CA ARG C 143 -40.18 22.67 19.69
C ARG C 143 -41.22 23.04 18.63
C ARG C 143 -41.22 23.01 18.62
N ILE C 144 -42.50 23.08 19.03
CA ILE C 144 -43.62 23.50 18.14
C ILE C 144 -44.48 24.51 18.91
N THR C 145 -44.74 25.66 18.29
CA THR C 145 -45.69 26.70 18.77
C THR C 145 -46.90 26.68 17.84
N GLU C 146 -47.84 27.63 18.00
CA GLU C 146 -49.06 27.71 17.16
C GLU C 146 -48.66 28.01 15.70
N THR C 147 -47.56 28.74 15.48
CA THR C 147 -47.19 29.34 14.17
C THR C 147 -45.84 28.81 13.63
N GLU C 148 -45.00 28.21 14.47
CA GLU C 148 -43.61 27.86 14.07
C GLU C 148 -43.24 26.44 14.50
N VAL C 149 -42.43 25.77 13.69
CA VAL C 149 -41.77 24.46 14.01
C VAL C 149 -40.26 24.72 14.10
N TYR C 150 -39.68 24.48 15.28
CA TYR C 150 -38.23 24.65 15.53
C TYR C 150 -37.52 23.36 15.12
N VAL C 151 -36.61 23.47 14.15
CA VAL C 151 -35.90 22.30 13.54
C VAL C 151 -34.40 22.49 13.76
N SER C 152 -33.69 21.37 13.84
CA SER C 152 -32.21 21.27 13.97
C SER C 152 -31.69 20.38 12.84
N ASP C 153 -30.85 20.93 11.97
CA ASP C 153 -30.30 20.22 10.78
C ASP C 153 -28.81 20.55 10.66
N ALA C 154 -27.94 19.62 11.04
CA ALA C 154 -26.47 19.80 11.12
C ALA C 154 -25.82 19.66 9.74
N GLN C 155 -26.54 19.18 8.72
CA GLN C 155 -25.96 18.98 7.36
C GLN C 155 -25.56 20.34 6.80
N PRO C 156 -24.32 20.49 6.26
CA PRO C 156 -23.87 21.80 5.75
C PRO C 156 -24.85 22.37 4.72
N PRO C 157 -25.27 23.66 4.82
CA PRO C 157 -24.95 24.54 5.94
C PRO C 157 -25.91 24.35 7.12
N ALA C 158 -25.36 24.11 8.31
CA ALA C 158 -26.13 23.75 9.53
C ALA C 158 -27.14 24.87 9.85
N PHE C 159 -28.33 24.49 10.30
CA PHE C 159 -29.41 25.40 10.73
C PHE C 159 -30.03 24.87 12.02
N GLN C 160 -30.35 25.77 12.94
CA GLN C 160 -31.14 25.48 14.16
C GLN C 160 -32.01 26.69 14.49
N GLY C 161 -33.33 26.50 14.51
CA GLY C 161 -34.30 27.55 14.87
C GLY C 161 -35.65 27.35 14.22
N ALA C 162 -36.50 28.38 14.32
CA ALA C 162 -37.90 28.37 13.88
C ALA C 162 -37.98 28.49 12.36
N ILE C 163 -38.81 27.66 11.73
CA ILE C 163 -39.36 27.89 10.36
C ILE C 163 -40.88 28.00 10.50
N PRO C 164 -41.57 28.71 9.58
CA PRO C 164 -43.03 28.76 9.59
C PRO C 164 -43.65 27.36 9.49
N LEU C 165 -44.74 27.13 10.24
CA LEU C 165 -45.51 25.86 10.28
C LEU C 165 -45.83 25.42 8.84
N ALA C 166 -46.28 26.36 8.00
CA ALA C 166 -46.67 26.11 6.60
C ALA C 166 -45.49 25.48 5.83
N ASP C 167 -44.28 25.99 6.04
CA ASP C 167 -43.04 25.51 5.36
C ASP C 167 -42.74 24.08 5.83
N PHE C 168 -42.83 23.82 7.13
CA PHE C 168 -42.61 22.47 7.70
C PHE C 168 -43.63 21.50 7.09
N LEU C 169 -44.92 21.87 7.08
CA LEU C 169 -46.02 20.99 6.59
C LEU C 169 -45.80 20.68 5.11
N ALA C 170 -45.39 21.67 4.30
CA ALA C 170 -45.09 21.53 2.87
C ALA C 170 -43.99 20.48 2.68
N SER C 171 -42.94 20.55 3.52
CA SER C 171 -41.75 19.65 3.46
C SER C 171 -42.12 18.25 3.97
N TRP C 172 -42.88 18.18 5.07
CA TRP C 172 -43.29 16.92 5.75
C TRP C 172 -44.31 16.15 4.90
N GLY C 173 -45.11 16.87 4.08
CA GLY C 173 -46.17 16.28 3.24
C GLY C 173 -45.78 16.22 1.76
N SER C 174 -44.55 16.63 1.42
CA SER C 174 -44.09 16.74 0.02
C SER C 174 -44.26 15.39 -0.69
N LEU C 175 -44.70 15.41 -1.95
CA LEU C 175 -44.76 14.21 -2.82
C LEU C 175 -43.35 13.87 -3.30
N ASN C 176 -42.39 14.79 -3.17
CA ASN C 176 -40.96 14.61 -3.56
C ASN C 176 -40.93 13.93 -4.93
N PRO C 177 -41.51 14.56 -5.98
CA PRO C 177 -41.65 13.89 -7.27
C PRO C 177 -40.31 13.59 -7.93
N PRO C 178 -40.26 12.66 -8.91
CA PRO C 178 -39.05 12.45 -9.71
C PRO C 178 -38.49 13.80 -10.19
N ASP C 179 -37.18 14.00 -10.00
CA ASP C 179 -36.47 15.28 -10.28
C ASP C 179 -35.22 14.96 -11.10
N ASP C 180 -35.13 15.49 -12.33
CA ASP C 180 -34.00 15.29 -13.28
C ASP C 180 -32.69 15.72 -12.62
N ALA C 181 -32.74 16.69 -11.70
CA ALA C 181 -31.56 17.28 -11.01
C ALA C 181 -31.19 16.47 -9.75
N ASP C 182 -31.95 15.43 -9.39
CA ASP C 182 -31.64 14.54 -8.25
C ASP C 182 -32.18 13.13 -8.53
N VAL C 183 -31.40 12.32 -9.25
CA VAL C 183 -31.76 10.92 -9.63
C VAL C 183 -31.58 9.97 -8.43
N PHE C 184 -30.97 10.44 -7.33
CA PHE C 184 -30.61 9.60 -6.16
C PHE C 184 -31.69 9.65 -5.07
N PHE C 185 -32.20 10.84 -4.74
CA PHE C 185 -32.99 11.08 -3.50
C PHE C 185 -34.36 11.70 -3.80
N SER C 186 -34.79 11.77 -5.07
CA SER C 186 -36.15 12.21 -5.46
C SER C 186 -37.04 10.98 -5.68
N ALA C 187 -38.34 11.18 -5.91
CA ALA C 187 -39.36 10.15 -6.16
C ALA C 187 -39.55 9.27 -4.91
N SER C 188 -39.45 9.86 -3.71
CA SER C 188 -39.77 9.21 -2.41
C SER C 188 -40.54 10.19 -1.54
N PRO C 189 -41.90 10.18 -1.60
CA PRO C 189 -42.72 11.11 -0.82
C PRO C 189 -42.36 11.11 0.67
N SER C 190 -42.35 12.28 1.29
CA SER C 190 -42.13 12.48 2.74
C SER C 190 -43.18 11.68 3.53
N GLY C 191 -44.43 11.71 3.07
CA GLY C 191 -45.55 10.91 3.60
C GLY C 191 -45.84 11.19 5.06
N ARG C 192 -45.48 12.39 5.56
CA ARG C 192 -45.62 12.79 6.98
C ARG C 192 -45.05 11.66 7.86
N ARG C 193 -43.93 11.07 7.44
CA ARG C 193 -43.21 10.01 8.20
C ARG C 193 -42.32 10.68 9.23
N TRP C 194 -42.20 10.09 10.42
CA TRP C 194 -41.18 10.51 11.42
C TRP C 194 -40.69 9.30 12.20
N LEU C 195 -39.46 9.41 12.70
CA LEU C 195 -38.73 8.35 13.44
C LEU C 195 -38.69 8.72 14.92
N ARG C 196 -39.13 7.79 15.79
CA ARG C 196 -38.97 7.90 17.26
C ARG C 196 -37.86 6.94 17.68
N THR C 197 -36.90 7.46 18.44
CA THR C 197 -35.75 6.69 18.99
C THR C 197 -35.86 6.61 20.51
N ARG C 198 -35.38 5.52 21.10
CA ARG C 198 -35.35 5.30 22.56
C ARG C 198 -34.17 4.40 22.89
N MET C 199 -33.39 4.76 23.92
CA MET C 199 -32.43 3.85 24.60
C MET C 199 -33.22 3.12 25.69
N THR C 200 -33.45 1.81 25.52
CA THR C 200 -34.45 1.02 26.27
C THR C 200 -33.82 0.35 27.50
N GLY C 201 -32.49 0.45 27.64
CA GLY C 201 -31.75 -0.07 28.80
C GLY C 201 -30.46 0.70 29.03
N PRO C 202 -29.70 0.40 30.11
CA PRO C 202 -28.40 1.02 30.33
C PRO C 202 -27.40 0.60 29.25
N VAL C 203 -26.50 1.52 28.89
CA VAL C 203 -25.45 1.28 27.86
C VAL C 203 -24.38 0.36 28.47
N PRO C 204 -23.73 -0.49 27.66
CA PRO C 204 -22.56 -1.23 28.14
C PRO C 204 -21.43 -0.26 28.46
N GLU C 205 -20.64 -0.55 29.49
CA GLU C 205 -19.39 0.19 29.79
C GLU C 205 -18.44 -0.03 28.63
N PRO C 206 -18.03 1.04 27.89
CA PRO C 206 -17.14 0.88 26.75
C PRO C 206 -15.66 0.75 27.18
N ASP C 207 -15.34 -0.34 27.88
CA ASP C 207 -13.98 -0.62 28.42
C ASP C 207 -13.17 -1.40 27.38
N ARG C 208 -11.91 -1.69 27.69
CA ARG C 208 -10.97 -2.39 26.77
C ARG C 208 -11.60 -3.70 26.29
N HIS C 209 -12.14 -4.52 27.20
CA HIS C 209 -12.72 -5.85 26.87
C HIS C 209 -13.91 -5.67 25.95
N TRP C 210 -14.74 -4.64 26.17
CA TRP C 210 -15.92 -4.34 25.31
C TRP C 210 -15.45 -3.98 23.90
N VAL C 211 -14.48 -3.07 23.77
CA VAL C 211 -13.93 -2.63 22.45
C VAL C 211 -13.37 -3.87 21.72
N GLY C 212 -12.63 -4.74 22.43
CA GLY C 212 -12.11 -6.00 21.88
C GLY C 212 -13.21 -6.86 21.30
N ARG C 213 -14.32 -7.02 22.03
CA ARG C 213 -15.46 -7.87 21.63
C ARG C 213 -16.17 -7.25 20.41
N VAL C 214 -16.40 -5.94 20.43
CA VAL C 214 -17.01 -5.16 19.31
C VAL C 214 -16.18 -5.41 18.04
N ILE C 215 -14.86 -5.27 18.14
CA ILE C 215 -13.94 -5.42 16.97
C ILE C 215 -14.04 -6.86 16.45
N ARG C 216 -13.94 -7.86 17.33
CA ARG C 216 -13.95 -9.29 16.92
C ARG C 216 -15.29 -9.65 16.28
N GLU C 217 -16.40 -9.12 16.80
CA GLU C 217 -17.76 -9.38 16.27
C GLU C 217 -17.88 -8.74 14.88
N ASN C 218 -17.40 -7.51 14.70
CA ASN C 218 -17.39 -6.81 13.39
C ASN C 218 -16.56 -7.64 12.38
N VAL C 219 -15.39 -8.10 12.79
CA VAL C 219 -14.46 -8.84 11.87
C VAL C 219 -15.11 -10.17 11.49
N ALA C 220 -15.62 -10.92 12.48
CA ALA C 220 -16.29 -12.23 12.28
C ALA C 220 -17.44 -12.07 11.28
N ARG C 221 -18.26 -11.03 11.46
CA ARG C 221 -19.44 -10.74 10.60
C ARG C 221 -18.97 -10.42 9.18
N TYR C 222 -17.88 -9.65 9.03
CA TYR C 222 -17.26 -9.32 7.71
C TYR C 222 -16.77 -10.61 7.02
N ARG C 223 -16.18 -11.54 7.77
CA ARG C 223 -15.50 -12.74 7.21
C ARG C 223 -16.54 -13.81 6.85
N GLN C 224 -17.71 -13.80 7.49
CA GLN C 224 -18.81 -14.79 7.30
C GLN C 224 -19.20 -14.87 5.83
N GLU C 225 -19.31 -16.09 5.29
CA GLU C 225 -19.92 -16.32 3.95
C GLU C 225 -21.36 -15.84 4.01
N PRO C 226 -21.83 -15.03 3.04
CA PRO C 226 -23.17 -14.44 3.11
C PRO C 226 -24.26 -15.39 2.64
N PRO C 227 -25.54 -15.12 3.01
CA PRO C 227 -26.67 -15.86 2.45
C PRO C 227 -26.88 -15.49 0.98
N ALA C 228 -27.58 -16.35 0.24
CA ALA C 228 -27.83 -16.21 -1.21
C ALA C 228 -28.53 -14.89 -1.52
N ASP C 229 -29.41 -14.41 -0.63
CA ASP C 229 -30.37 -13.30 -0.90
C ASP C 229 -29.87 -11.95 -0.36
N THR C 230 -28.76 -11.92 0.38
CA THR C 230 -28.17 -10.68 0.97
C THR C 230 -26.65 -10.72 0.84
N GLN C 231 -26.07 -9.70 0.21
CA GLN C 231 -24.60 -9.53 0.09
CA GLN C 231 -24.60 -9.52 0.08
C GLN C 231 -24.08 -8.87 1.37
N THR C 232 -23.45 -9.66 2.25
CA THR C 232 -22.92 -9.20 3.55
C THR C 232 -21.40 -9.40 3.60
N GLY C 233 -20.72 -8.51 4.33
CA GLY C 233 -19.29 -8.62 4.67
C GLY C 233 -18.39 -8.56 3.45
N LEU C 234 -17.20 -9.13 3.57
CA LEU C 234 -16.13 -9.08 2.55
C LEU C 234 -16.56 -9.89 1.32
N PRO C 235 -17.03 -11.16 1.45
CA PRO C 235 -17.46 -11.91 0.28
C PRO C 235 -18.66 -11.25 -0.44
N GLY C 236 -19.62 -10.74 0.33
CA GLY C 236 -20.79 -10.02 -0.18
C GLY C 236 -20.39 -8.77 -0.95
N LEU C 237 -19.42 -8.01 -0.43
CA LEU C 237 -18.89 -6.80 -1.10
C LEU C 237 -18.27 -7.21 -2.46
N ARG C 238 -17.47 -8.28 -2.48
CA ARG C 238 -16.85 -8.81 -3.73
C ARG C 238 -17.95 -9.10 -4.76
N ARG C 239 -18.99 -9.84 -4.38
CA ARG C 239 -20.10 -10.25 -5.28
C ARG C 239 -20.85 -9.00 -5.77
N TYR C 240 -21.19 -8.08 -4.86
CA TYR C 240 -21.91 -6.82 -5.17
C TYR C 240 -21.14 -6.02 -6.23
N LEU C 241 -19.83 -5.83 -6.03
CA LEU C 241 -18.98 -5.01 -6.93
C LEU C 241 -18.80 -5.74 -8.27
N ASP C 242 -18.63 -7.07 -8.25
CA ASP C 242 -18.55 -7.90 -9.47
C ASP C 242 -19.83 -7.73 -10.30
N GLU C 243 -20.99 -7.82 -9.64
CA GLU C 243 -22.34 -7.67 -10.25
C GLU C 243 -22.46 -6.28 -10.88
N LEU C 244 -22.00 -5.25 -10.16
CA LEU C 244 -22.08 -3.82 -10.55
C LEU C 244 -21.23 -3.59 -11.82
N CYS C 245 -20.00 -4.10 -11.83
CA CYS C 245 -19.02 -3.89 -12.93
C CYS C 245 -19.39 -4.72 -14.17
N ALA C 246 -20.25 -5.74 -14.02
CA ALA C 246 -20.73 -6.61 -15.11
C ALA C 246 -21.77 -5.89 -15.97
N LEU C 247 -22.44 -4.87 -15.43
CA LEU C 247 -23.46 -4.07 -16.16
C LEU C 247 -22.76 -3.15 -17.15
N THR C 248 -23.37 -2.93 -18.32
CA THR C 248 -22.81 -2.13 -19.44
C THR C 248 -23.08 -0.65 -19.18
N PRO C 249 -22.03 0.20 -19.15
CA PRO C 249 -22.20 1.63 -18.91
C PRO C 249 -23.28 2.24 -19.82
N GLY C 250 -24.16 3.07 -19.26
CA GLY C 250 -25.14 3.86 -20.02
C GLY C 250 -26.49 3.19 -20.13
N THR C 251 -26.56 1.85 -19.98
CA THR C 251 -27.82 1.08 -20.03
C THR C 251 -28.70 1.46 -18.84
N ASN C 252 -30.02 1.28 -18.97
CA ASN C 252 -31.01 1.56 -17.89
C ASN C 252 -30.66 0.70 -16.68
N ALA C 253 -30.25 -0.55 -16.90
CA ALA C 253 -29.81 -1.51 -15.86
C ALA C 253 -28.64 -0.92 -15.07
N ALA C 254 -27.62 -0.42 -15.77
CA ALA C 254 -26.42 0.21 -15.15
C ALA C 254 -26.85 1.47 -14.38
N SER C 255 -27.68 2.31 -14.99
CA SER C 255 -28.21 3.57 -14.38
C SER C 255 -28.89 3.24 -13.04
N GLU C 256 -29.81 2.27 -13.04
CA GLU C 256 -30.53 1.81 -11.82
C GLU C 256 -29.51 1.38 -10.75
N ALA C 257 -28.49 0.60 -11.15
CA ALA C 257 -27.48 0.01 -10.23
C ALA C 257 -26.60 1.12 -9.65
N LEU C 258 -26.27 2.14 -10.42
CA LEU C 258 -25.37 3.25 -9.99
C LEU C 258 -26.13 4.19 -9.05
N SER C 259 -27.43 4.40 -9.27
CA SER C 259 -28.32 5.13 -8.34
C SER C 259 -28.31 4.43 -6.98
N GLU C 260 -28.58 3.12 -6.97
CA GLU C 260 -28.54 2.29 -5.74
C GLU C 260 -27.16 2.44 -5.08
N LEU C 261 -26.08 2.27 -5.85
CA LEU C 261 -24.69 2.33 -5.35
C LEU C 261 -24.51 3.62 -4.54
N TYR C 262 -24.81 4.77 -5.14
CA TYR C 262 -24.58 6.10 -4.54
C TYR C 262 -25.38 6.23 -3.24
N VAL C 263 -26.64 5.77 -3.25
CA VAL C 263 -27.59 5.88 -2.11
C VAL C 263 -27.10 4.99 -0.96
N ILE C 264 -26.95 3.69 -1.18
CA ILE C 264 -26.59 2.73 -0.09
C ILE C 264 -25.19 3.06 0.44
N SER C 265 -24.26 3.45 -0.43
CA SER C 265 -22.84 3.67 -0.06
C SER C 265 -22.67 4.91 0.81
N TRP C 266 -23.59 5.88 0.77
CA TRP C 266 -23.45 7.10 1.62
C TRP C 266 -23.34 6.68 3.09
N ASN C 267 -24.29 5.89 3.58
CA ASN C 267 -24.39 5.59 5.02
C ASN C 267 -23.44 4.45 5.40
N ILE C 268 -23.09 3.58 4.44
CA ILE C 268 -22.03 2.54 4.62
C ILE C 268 -20.68 3.25 4.75
N GLN C 269 -20.42 4.26 3.90
CA GLN C 269 -19.19 5.08 3.95
C GLN C 269 -19.17 5.88 5.26
N ALA C 270 -20.29 6.50 5.64
CA ALA C 270 -20.44 7.28 6.89
C ALA C 270 -20.05 6.40 8.08
N GLN C 271 -20.54 5.15 8.12
CA GLN C 271 -20.26 4.21 9.24
C GLN C 271 -18.77 3.87 9.28
N SER C 272 -18.12 3.73 8.12
CA SER C 272 -16.66 3.48 8.00
C SER C 272 -15.90 4.64 8.66
N GLY C 273 -16.25 5.88 8.31
CA GLY C 273 -15.63 7.09 8.88
C GLY C 273 -15.81 7.15 10.38
N LEU C 274 -17.03 6.85 10.87
CA LEU C 274 -17.38 6.90 12.31
C LEU C 274 -16.60 5.81 13.06
N HIS C 275 -16.50 4.62 12.49
CA HIS C 275 -15.79 3.47 13.12
C HIS C 275 -14.29 3.80 13.25
N ALA C 276 -13.69 4.41 12.23
CA ALA C 276 -12.28 4.87 12.28
C ALA C 276 -12.13 5.87 13.43
N GLU C 277 -13.06 6.82 13.56
CA GLU C 277 -13.03 7.85 14.63
C GLU C 277 -13.14 7.17 16.01
N PHE C 278 -14.05 6.20 16.13
CA PHE C 278 -14.25 5.37 17.34
C PHE C 278 -12.92 4.71 17.74
N LEU C 279 -12.20 4.15 16.76
CA LEU C 279 -10.91 3.45 17.01
C LEU C 279 -9.85 4.47 17.43
N ARG C 280 -9.78 5.62 16.76
CA ARG C 280 -8.83 6.72 17.10
C ARG C 280 -9.07 7.19 18.54
N ALA C 281 -10.33 7.43 18.91
CA ALA C 281 -10.73 7.96 20.24
C ALA C 281 -10.18 7.03 21.34
N HIS C 282 -10.31 5.72 21.17
CA HIS C 282 -9.91 4.70 22.17
C HIS C 282 -8.39 4.49 22.12
N SER C 283 -7.76 4.65 20.95
CA SER C 283 -6.29 4.69 20.81
C SER C 283 -5.71 5.77 21.73
N VAL C 284 -6.28 6.98 21.68
CA VAL C 284 -5.86 8.17 22.49
C VAL C 284 -6.15 7.88 23.97
N LYS C 285 -7.36 7.41 24.27
CA LYS C 285 -7.85 7.15 25.65
C LYS C 285 -6.85 6.27 26.40
N TRP C 286 -6.40 5.17 25.77
CA TRP C 286 -5.61 4.09 26.43
C TRP C 286 -4.17 4.03 25.93
N ARG C 287 -3.77 4.91 25.00
CA ARG C 287 -2.41 4.92 24.41
C ARG C 287 -2.10 3.52 23.85
N ILE C 288 -3.02 2.97 23.04
CA ILE C 288 -2.86 1.65 22.36
C ILE C 288 -2.72 1.92 20.86
N PRO C 289 -1.48 1.89 20.32
CA PRO C 289 -1.25 2.24 18.92
C PRO C 289 -1.96 1.33 17.90
N GLU C 290 -2.19 0.06 18.25
CA GLU C 290 -2.88 -0.92 17.37
C GLU C 290 -4.25 -0.38 16.94
N LEU C 291 -4.93 0.37 17.83
CA LEU C 291 -6.27 0.95 17.55
C LEU C 291 -6.15 2.06 16.50
N ALA C 292 -5.10 2.90 16.58
CA ALA C 292 -4.83 3.99 15.61
C ALA C 292 -4.46 3.40 14.24
N GLU C 293 -3.68 2.32 14.24
CA GLU C 293 -3.24 1.61 13.01
C GLU C 293 -4.46 0.98 12.33
N ALA C 294 -5.30 0.29 13.11
CA ALA C 294 -6.60 -0.24 12.65
C ALA C 294 -7.47 0.90 12.10
N ALA C 295 -7.51 2.05 12.79
CA ALA C 295 -8.30 3.22 12.37
C ALA C 295 -7.87 3.66 10.96
N ALA C 296 -6.57 3.64 10.66
CA ALA C 296 -6.01 4.03 9.35
C ALA C 296 -6.52 3.07 8.27
N GLY C 297 -6.58 1.77 8.59
CA GLY C 297 -7.10 0.72 7.68
C GLY C 297 -8.58 0.93 7.40
N VAL C 298 -9.35 1.25 8.45
CA VAL C 298 -10.82 1.49 8.34
C VAL C 298 -11.05 2.77 7.52
N ASP C 299 -10.29 3.83 7.79
CA ASP C 299 -10.39 5.11 7.05
C ASP C 299 -10.07 4.87 5.56
N ALA C 300 -9.12 3.97 5.25
CA ALA C 300 -8.75 3.61 3.87
C ALA C 300 -9.98 3.00 3.16
N VAL C 301 -10.77 2.18 3.86
CA VAL C 301 -12.06 1.66 3.34
C VAL C 301 -13.04 2.83 3.14
N ALA C 302 -13.22 3.70 4.13
CA ALA C 302 -14.06 4.92 4.02
C ALA C 302 -13.68 5.67 2.74
N HIS C 303 -12.37 5.87 2.53
CA HIS C 303 -11.80 6.61 1.38
C HIS C 303 -12.01 5.81 0.09
N GLY C 304 -11.88 4.49 0.15
CA GLY C 304 -12.11 3.59 -1.00
C GLY C 304 -13.53 3.73 -1.53
N TRP C 305 -14.51 3.89 -0.64
CA TRP C 305 -15.92 4.13 -1.02
C TRP C 305 -16.02 5.40 -1.86
N THR C 306 -15.23 6.44 -1.57
CA THR C 306 -15.22 7.69 -2.37
C THR C 306 -14.91 7.35 -3.83
N GLY C 307 -13.81 6.66 -4.09
CA GLY C 307 -13.38 6.26 -5.45
C GLY C 307 -14.50 5.55 -6.20
N VAL C 308 -15.15 4.58 -5.55
CA VAL C 308 -16.22 3.74 -6.16
C VAL C 308 -17.46 4.60 -6.43
N ARG C 309 -17.99 5.26 -5.40
CA ARG C 309 -19.32 5.91 -5.49
C ARG C 309 -19.25 7.18 -6.35
N MET C 310 -18.10 7.85 -6.40
CA MET C 310 -17.95 9.10 -7.22
C MET C 310 -17.71 8.74 -8.69
N THR C 311 -16.96 7.68 -8.98
CA THR C 311 -16.85 7.14 -10.36
C THR C 311 -18.27 6.79 -10.84
N GLY C 312 -19.03 6.10 -9.97
CA GLY C 312 -20.45 5.75 -10.22
C GLY C 312 -21.32 6.97 -10.46
N ALA C 313 -21.21 7.97 -9.60
CA ALA C 313 -22.04 9.21 -9.66
C ALA C 313 -21.85 9.90 -11.02
N HIS C 314 -20.60 10.09 -11.46
CA HIS C 314 -20.28 10.86 -12.70
C HIS C 314 -20.73 10.06 -13.93
N SER C 315 -20.62 8.74 -13.88
CA SER C 315 -21.14 7.81 -14.93
C SER C 315 -22.67 7.97 -15.01
N ARG C 316 -23.35 8.00 -13.86
CA ARG C 316 -24.83 8.03 -13.76
C ARG C 316 -25.37 9.37 -14.27
N VAL C 317 -24.77 10.48 -13.83
CA VAL C 317 -25.34 11.86 -13.94
C VAL C 317 -24.85 12.52 -15.24
N TRP C 318 -23.56 12.37 -15.58
CA TRP C 318 -22.88 13.13 -16.66
C TRP C 318 -22.43 12.20 -17.80
N GLN C 319 -22.84 10.92 -17.76
CA GLN C 319 -22.49 9.89 -18.78
C GLN C 319 -20.97 9.79 -18.90
N ARG C 320 -20.22 10.02 -17.81
CA ARG C 320 -18.75 9.82 -17.76
C ARG C 320 -18.49 8.33 -17.53
N HIS C 321 -18.56 7.52 -18.59
CA HIS C 321 -18.46 6.04 -18.53
C HIS C 321 -16.98 5.63 -18.49
N ARG C 322 -16.52 5.16 -17.34
CA ARG C 322 -15.11 4.71 -17.12
C ARG C 322 -15.14 3.37 -16.38
N PRO C 323 -15.53 2.27 -17.07
CA PRO C 323 -15.62 0.96 -16.44
C PRO C 323 -14.30 0.46 -15.84
N ALA C 324 -13.15 0.76 -16.47
CA ALA C 324 -11.82 0.37 -15.96
C ALA C 324 -11.55 1.10 -14.63
N GLU C 325 -11.94 2.37 -14.52
CA GLU C 325 -11.82 3.16 -13.27
C GLU C 325 -12.71 2.54 -12.19
N LEU C 326 -13.98 2.27 -12.51
CA LEU C 326 -14.94 1.71 -11.53
C LEU C 326 -14.38 0.38 -11.01
N ARG C 327 -13.94 -0.51 -11.90
CA ARG C 327 -13.39 -1.85 -11.56
C ARG C 327 -12.12 -1.66 -10.71
N GLY C 328 -11.26 -0.70 -11.07
CA GLY C 328 -10.02 -0.38 -10.33
C GLY C 328 -10.30 0.04 -8.89
N HIS C 329 -11.22 0.98 -8.71
CA HIS C 329 -11.64 1.48 -7.37
C HIS C 329 -12.31 0.34 -6.59
N ALA C 330 -13.15 -0.45 -7.25
CA ALA C 330 -13.87 -1.59 -6.63
C ALA C 330 -12.86 -2.58 -6.05
N THR C 331 -11.86 -2.97 -6.84
CA THR C 331 -10.78 -3.91 -6.44
C THR C 331 -9.97 -3.30 -5.29
N ALA C 332 -9.61 -2.01 -5.37
CA ALA C 332 -8.85 -1.30 -4.31
C ALA C 332 -9.66 -1.33 -3.01
N LEU C 333 -10.97 -1.09 -3.07
CA LEU C 333 -11.86 -1.06 -1.88
C LEU C 333 -11.83 -2.43 -1.19
N VAL C 334 -11.92 -3.51 -1.96
CA VAL C 334 -11.89 -4.90 -1.43
C VAL C 334 -10.54 -5.16 -0.76
N ARG C 335 -9.43 -4.80 -1.41
CA ARG C 335 -8.06 -5.03 -0.89
C ARG C 335 -7.88 -4.23 0.40
N ARG C 336 -8.38 -2.99 0.45
CA ARG C 336 -8.31 -2.13 1.67
C ARG C 336 -9.13 -2.78 2.80
N LEU C 337 -10.29 -3.37 2.49
CA LEU C 337 -11.13 -4.07 3.50
C LEU C 337 -10.34 -5.27 4.04
N GLU C 338 -9.76 -6.10 3.16
CA GLU C 338 -8.92 -7.26 3.56
C GLU C 338 -7.85 -6.82 4.56
N ALA C 339 -7.11 -5.75 4.24
CA ALA C 339 -6.01 -5.21 5.07
C ALA C 339 -6.56 -4.71 6.41
N ALA C 340 -7.68 -4.00 6.38
CA ALA C 340 -8.33 -3.40 7.59
C ALA C 340 -8.72 -4.52 8.56
N LEU C 341 -9.28 -5.62 8.07
CA LEU C 341 -9.74 -6.74 8.94
C LEU C 341 -8.54 -7.34 9.67
N ASP C 342 -7.40 -7.51 8.98
CA ASP C 342 -6.17 -8.07 9.58
C ASP C 342 -5.64 -7.11 10.67
N LEU C 343 -5.60 -5.80 10.39
CA LEU C 343 -5.16 -4.79 11.39
C LEU C 343 -6.10 -4.79 12.60
N LEU C 344 -7.40 -4.98 12.37
CA LEU C 344 -8.43 -4.94 13.45
C LEU C 344 -8.21 -6.13 14.39
N GLU C 345 -7.81 -7.29 13.86
CA GLU C 345 -7.55 -8.49 14.68
C GLU C 345 -6.34 -8.23 15.60
N LEU C 346 -5.31 -7.53 15.11
CA LEU C 346 -4.16 -7.12 15.94
C LEU C 346 -4.64 -6.14 17.03
N ALA C 347 -5.58 -5.26 16.69
CA ALA C 347 -6.15 -4.26 17.64
C ALA C 347 -6.94 -4.97 18.75
N ALA C 348 -7.78 -5.94 18.39
CA ALA C 348 -8.57 -6.75 19.34
C ALA C 348 -7.64 -7.46 20.33
N ASP C 349 -6.57 -8.08 19.84
CA ASP C 349 -5.56 -8.80 20.66
C ASP C 349 -4.91 -7.83 21.67
N ALA C 350 -4.70 -6.58 21.28
CA ALA C 350 -4.02 -5.54 22.09
C ALA C 350 -4.93 -5.04 23.23
N VAL C 351 -6.25 -5.20 23.11
CA VAL C 351 -7.24 -4.70 24.12
C VAL C 351 -7.92 -5.86 24.88
N SER C 352 -7.87 -7.09 24.36
CA SER C 352 -8.53 -8.29 24.96
C SER C 352 -7.57 -9.00 25.89
N VAL D 23 34.33 -14.56 -21.14
CA VAL D 23 33.45 -15.23 -20.14
C VAL D 23 33.03 -14.21 -19.09
N GLU D 24 31.75 -13.82 -19.09
CA GLU D 24 31.25 -12.67 -18.29
C GLU D 24 30.59 -13.18 -17.00
N LEU D 25 31.05 -12.65 -15.86
CA LEU D 25 30.36 -12.83 -14.55
C LEU D 25 29.04 -12.05 -14.59
N TRP D 26 27.94 -12.70 -14.22
CA TRP D 26 26.60 -12.08 -14.20
C TRP D 26 25.79 -12.72 -13.08
N THR D 27 25.23 -11.88 -12.19
CA THR D 27 24.24 -12.31 -11.17
C THR D 27 23.50 -11.08 -10.64
N ARG D 28 22.58 -11.30 -9.71
CA ARG D 28 21.73 -10.27 -9.06
C ARG D 28 21.60 -10.63 -7.58
N ASP D 29 21.33 -9.67 -6.71
CA ASP D 29 21.36 -9.91 -5.23
C ASP D 29 20.24 -10.90 -4.85
N LEU D 30 19.18 -11.03 -5.65
CA LEU D 30 18.08 -12.01 -5.39
C LEU D 30 18.36 -13.34 -6.08
N GLY D 31 19.38 -13.41 -6.94
CA GLY D 31 19.62 -14.56 -7.83
C GLY D 31 20.55 -15.60 -7.23
N SER D 32 20.48 -16.83 -7.74
CA SER D 32 21.36 -17.97 -7.41
C SER D 32 22.28 -18.27 -8.61
N CYS D 33 23.14 -19.29 -8.44
CA CYS D 33 24.03 -19.82 -9.50
C CYS D 33 23.21 -20.30 -10.71
N LEU D 34 21.91 -20.58 -10.55
CA LEU D 34 21.03 -21.06 -11.66
C LEU D 34 20.96 -19.99 -12.76
N HIS D 35 20.38 -18.81 -12.47
CA HIS D 35 20.31 -17.68 -13.44
C HIS D 35 21.73 -17.23 -13.82
N GLY D 36 22.66 -17.22 -12.86
CA GLY D 36 24.02 -16.69 -13.07
C GLY D 36 24.76 -17.46 -14.16
N THR D 37 24.84 -18.79 -14.04
CA THR D 37 25.57 -19.65 -15.00
C THR D 37 24.89 -19.58 -16.37
N LEU D 38 23.55 -19.65 -16.42
CA LEU D 38 22.78 -19.56 -17.69
C LEU D 38 23.07 -18.21 -18.35
N ALA D 39 23.12 -17.12 -17.56
CA ALA D 39 23.42 -15.75 -18.07
C ALA D 39 24.80 -15.73 -18.73
N THR D 40 25.82 -16.33 -18.10
CA THR D 40 27.21 -16.40 -18.64
C THR D 40 27.16 -17.10 -20.01
N ALA D 41 26.48 -18.25 -20.10
CA ALA D 41 26.32 -19.03 -21.35
C ALA D 41 25.62 -18.18 -22.42
N LEU D 42 24.56 -17.46 -22.04
CA LEU D 42 23.75 -16.63 -22.98
C LEU D 42 24.60 -15.47 -23.51
N ILE D 43 25.34 -14.80 -22.62
CA ILE D 43 26.21 -13.63 -22.98
C ILE D 43 27.27 -14.09 -23.99
N ARG D 44 27.85 -15.28 -23.78
CA ARG D 44 28.90 -15.85 -24.68
C ARG D 44 28.33 -15.99 -26.11
N ASP D 45 27.03 -16.31 -26.23
CA ASP D 45 26.37 -16.54 -27.54
CA ASP D 45 26.34 -16.55 -27.53
C ASP D 45 25.68 -15.25 -28.01
N GLY D 46 26.00 -14.11 -27.37
CA GLY D 46 25.60 -12.75 -27.80
C GLY D 46 24.17 -12.39 -27.44
N HIS D 47 23.56 -13.07 -26.45
CA HIS D 47 22.14 -12.87 -26.05
C HIS D 47 22.08 -12.00 -24.78
N ASP D 48 20.95 -11.30 -24.60
CA ASP D 48 20.69 -10.40 -23.45
C ASP D 48 20.03 -11.21 -22.34
N PRO D 49 20.74 -11.54 -21.24
CA PRO D 49 20.18 -12.42 -20.21
C PRO D 49 18.94 -11.82 -19.52
N VAL D 50 18.84 -10.48 -19.43
CA VAL D 50 17.68 -9.80 -18.81
C VAL D 50 16.43 -10.06 -19.65
N THR D 51 16.54 -10.00 -20.98
CA THR D 51 15.42 -10.28 -21.92
C THR D 51 15.09 -11.78 -21.89
N VAL D 52 16.09 -12.65 -21.98
CA VAL D 52 15.89 -14.12 -22.12
C VAL D 52 15.37 -14.70 -20.80
N LEU D 53 16.01 -14.38 -19.67
CA LEU D 53 15.69 -14.99 -18.35
C LEU D 53 14.68 -14.11 -17.59
N GLY D 54 14.50 -12.85 -17.99
CA GLY D 54 13.60 -11.91 -17.29
C GLY D 54 12.21 -11.81 -17.91
N ALA D 55 12.02 -12.26 -19.15
CA ALA D 55 10.69 -12.22 -19.83
C ALA D 55 9.71 -13.15 -19.11
N PRO D 56 10.07 -14.42 -18.78
CA PRO D 56 9.16 -15.32 -18.09
C PRO D 56 8.94 -14.89 -16.64
N TRP D 57 7.73 -15.08 -16.13
CA TRP D 57 7.37 -14.87 -14.71
C TRP D 57 6.22 -15.80 -14.33
N GLU D 58 6.48 -16.74 -13.44
CA GLU D 58 5.46 -17.74 -13.02
C GLU D 58 5.73 -18.23 -11.60
N PHE D 59 4.76 -18.95 -11.05
CA PHE D 59 4.90 -19.76 -9.82
C PHE D 59 4.39 -21.17 -10.12
N ARG D 60 5.21 -22.17 -9.85
CA ARG D 60 4.83 -23.60 -9.92
C ARG D 60 5.48 -24.36 -8.77
N ARG D 61 4.74 -25.27 -8.15
CA ARG D 61 5.25 -26.17 -7.10
C ARG D 61 4.60 -27.54 -7.30
N ARG D 62 5.42 -28.55 -7.57
CA ARG D 62 5.01 -29.96 -7.74
C ARG D 62 5.39 -30.71 -6.47
N PRO D 63 4.42 -31.21 -5.67
CA PRO D 63 4.75 -31.99 -4.47
C PRO D 63 5.72 -33.12 -4.82
N GLY D 64 6.83 -33.22 -4.08
CA GLY D 64 7.83 -34.31 -4.22
C GLY D 64 8.88 -34.04 -5.29
N ALA D 65 8.77 -32.95 -6.05
CA ALA D 65 9.65 -32.67 -7.22
C ALA D 65 10.99 -32.09 -6.76
N TRP D 66 10.99 -31.28 -5.69
CA TRP D 66 12.17 -30.47 -5.28
C TRP D 66 13.36 -31.38 -4.92
N SER D 67 14.56 -30.89 -5.22
N SER D 67 14.56 -30.89 -5.21
CA SER D 67 15.86 -31.48 -4.78
CA SER D 67 15.86 -31.48 -4.78
C SER D 67 16.57 -30.47 -3.87
C SER D 67 16.57 -30.47 -3.87
N SER D 68 17.41 -30.96 -2.96
CA SER D 68 18.17 -30.12 -2.01
C SER D 68 19.38 -29.52 -2.75
N GLU D 69 19.09 -28.57 -3.65
CA GLU D 69 20.06 -27.94 -4.59
C GLU D 69 19.75 -26.44 -4.66
N GLU D 70 20.78 -25.58 -4.68
CA GLU D 70 20.62 -24.12 -4.83
C GLU D 70 19.91 -23.80 -6.14
N TYR D 71 20.03 -24.67 -7.14
CA TYR D 71 19.63 -24.43 -8.54
C TYR D 71 18.36 -25.21 -8.89
N PHE D 72 17.59 -25.66 -7.89
CA PHE D 72 16.31 -26.38 -8.16
C PHE D 72 15.30 -25.40 -8.75
N PHE D 73 14.70 -25.80 -9.86
CA PHE D 73 13.57 -25.10 -10.52
C PHE D 73 12.67 -26.16 -11.16
N PHE D 74 11.35 -26.08 -10.94
CA PHE D 74 10.40 -27.04 -11.55
C PHE D 74 10.23 -26.70 -13.03
N ALA D 75 10.78 -27.55 -13.91
CA ALA D 75 10.92 -27.30 -15.36
C ALA D 75 9.91 -28.12 -16.18
N GLU D 76 9.51 -29.30 -15.71
CA GLU D 76 8.69 -30.29 -16.46
C GLU D 76 7.46 -29.60 -17.06
N PRO D 77 7.09 -29.87 -18.34
CA PRO D 77 7.77 -30.83 -19.21
C PRO D 77 8.98 -30.28 -19.98
N ASP D 78 9.28 -28.99 -19.81
CA ASP D 78 10.39 -28.31 -20.52
C ASP D 78 11.73 -28.76 -19.92
N SER D 79 12.83 -28.52 -20.64
CA SER D 79 14.20 -28.62 -20.08
C SER D 79 14.38 -27.50 -19.05
N LEU D 80 15.41 -27.59 -18.22
CA LEU D 80 15.67 -26.60 -17.13
C LEU D 80 15.83 -25.21 -17.74
N ALA D 81 16.72 -25.06 -18.73
CA ALA D 81 16.98 -23.78 -19.43
C ALA D 81 15.73 -23.36 -20.23
N GLY D 82 15.05 -24.33 -20.86
CA GLY D 82 13.81 -24.08 -21.61
C GLY D 82 12.76 -23.37 -20.78
N ARG D 83 12.51 -23.85 -19.56
CA ARG D 83 11.46 -23.29 -18.68
C ARG D 83 11.88 -21.89 -18.21
N LEU D 84 13.16 -21.71 -17.88
CA LEU D 84 13.71 -20.42 -17.36
C LEU D 84 13.76 -19.37 -18.47
N ALA D 85 13.73 -19.80 -19.74
CA ALA D 85 13.73 -18.94 -20.94
C ALA D 85 12.53 -19.31 -21.82
N LEU D 86 11.34 -19.32 -21.23
CA LEU D 86 10.09 -19.90 -21.78
C LEU D 86 9.79 -19.36 -23.19
N TYR D 87 10.14 -18.09 -23.47
CA TYR D 87 9.76 -17.37 -24.71
C TYR D 87 10.91 -17.39 -25.74
N HIS D 88 11.99 -18.12 -25.47
CA HIS D 88 13.17 -18.22 -26.36
C HIS D 88 13.41 -19.67 -26.74
N PRO D 89 14.01 -19.93 -27.93
CA PRO D 89 14.33 -21.29 -28.34
C PRO D 89 15.62 -21.74 -27.66
N PHE D 90 15.63 -21.71 -26.32
CA PHE D 90 16.78 -22.04 -25.44
C PHE D 90 16.49 -23.40 -24.80
N GLU D 91 17.48 -24.30 -24.83
CA GLU D 91 17.33 -25.69 -24.35
C GLU D 91 18.56 -26.06 -23.52
N SER D 92 18.39 -27.01 -22.59
CA SER D 92 19.50 -27.65 -21.84
C SER D 92 19.30 -29.16 -21.83
N THR D 93 20.40 -29.89 -21.68
CA THR D 93 20.42 -31.35 -21.40
C THR D 93 21.40 -31.59 -20.24
N TRP D 94 20.98 -32.40 -19.28
CA TRP D 94 21.85 -32.91 -18.18
C TRP D 94 22.71 -34.04 -18.73
N HIS D 95 24.01 -34.01 -18.44
CA HIS D 95 24.97 -35.09 -18.75
C HIS D 95 25.61 -35.56 -17.45
N ARG D 96 25.82 -36.87 -17.32
CA ARG D 96 26.60 -37.50 -16.22
C ARG D 96 27.87 -38.09 -16.84
N SER D 97 29.04 -37.57 -16.44
CA SER D 97 30.35 -37.99 -16.99
C SER D 97 30.85 -39.25 -16.27
N ASP D 98 31.05 -40.34 -17.00
CA ASP D 98 31.70 -41.58 -16.52
C ASP D 98 33.20 -41.30 -16.34
N GLY D 99 33.91 -42.19 -15.64
CA GLY D 99 35.35 -42.09 -15.39
C GLY D 99 35.66 -41.22 -14.19
N ASP D 100 36.93 -40.79 -14.06
CA ASP D 100 37.42 -40.01 -12.89
C ASP D 100 38.25 -38.81 -13.37
N GLY D 101 38.19 -38.47 -14.67
CA GLY D 101 38.90 -37.33 -15.28
C GLY D 101 37.94 -36.24 -15.72
N VAL D 102 38.38 -35.37 -16.64
CA VAL D 102 37.58 -34.22 -17.15
C VAL D 102 37.53 -34.24 -18.69
N ASP D 103 37.83 -35.37 -19.34
CA ASP D 103 37.93 -35.44 -20.83
C ASP D 103 36.60 -35.03 -21.47
N ASP D 104 35.45 -35.41 -20.90
CA ASP D 104 34.10 -35.06 -21.44
C ASP D 104 33.98 -33.53 -21.50
N LEU D 105 34.49 -32.82 -20.49
CA LEU D 105 34.46 -31.34 -20.42
C LEU D 105 35.47 -30.74 -21.42
N ARG D 106 36.64 -31.37 -21.60
CA ARG D 106 37.63 -30.94 -22.63
C ARG D 106 36.97 -30.95 -24.01
N GLU D 107 36.25 -32.03 -24.33
CA GLU D 107 35.57 -32.21 -25.65
C GLU D 107 34.48 -31.14 -25.81
N ALA D 108 33.69 -30.89 -24.76
CA ALA D 108 32.61 -29.88 -24.74
C ALA D 108 33.20 -28.51 -25.09
N LEU D 109 34.30 -28.12 -24.43
CA LEU D 109 34.98 -26.82 -24.63
C LEU D 109 35.48 -26.71 -26.07
N ALA D 110 36.03 -27.79 -26.63
CA ALA D 110 36.57 -27.84 -28.02
C ALA D 110 35.43 -27.63 -29.02
N ALA D 111 34.20 -28.03 -28.68
CA ALA D 111 32.99 -27.88 -29.52
C ALA D 111 32.35 -26.49 -29.31
N GLY D 112 32.97 -25.63 -28.49
CA GLY D 112 32.51 -24.25 -28.25
C GLY D 112 31.38 -24.18 -27.23
N VAL D 113 31.20 -25.23 -26.42
CA VAL D 113 30.20 -25.27 -25.32
C VAL D 113 30.88 -24.77 -24.04
N LEU D 114 30.16 -23.99 -23.23
CA LEU D 114 30.54 -23.67 -21.82
C LEU D 114 29.80 -24.61 -20.89
N PRO D 115 30.42 -25.72 -20.43
CA PRO D 115 29.77 -26.63 -19.49
C PRO D 115 29.42 -25.91 -18.19
N ILE D 116 28.22 -26.13 -17.69
CA ILE D 116 27.78 -25.69 -16.33
C ILE D 116 27.82 -26.93 -15.43
N ALA D 117 28.82 -26.98 -14.54
CA ALA D 117 29.15 -28.17 -13.73
C ALA D 117 28.41 -28.11 -12.39
N ALA D 118 27.79 -29.22 -12.00
CA ALA D 118 27.25 -29.45 -10.64
C ALA D 118 28.44 -29.63 -9.68
N VAL D 119 28.56 -28.74 -8.69
CA VAL D 119 29.73 -28.71 -7.77
C VAL D 119 29.22 -28.59 -6.32
N ASP D 120 30.05 -29.06 -5.39
CA ASP D 120 29.87 -28.91 -3.93
C ASP D 120 30.82 -27.82 -3.45
N ASN D 121 30.29 -26.75 -2.87
CA ASN D 121 31.07 -25.57 -2.39
C ASN D 121 32.13 -26.01 -1.36
N PHE D 122 31.90 -27.09 -0.63
CA PHE D 122 32.81 -27.64 0.39
C PHE D 122 34.20 -27.90 -0.22
N HIS D 123 34.26 -28.24 -1.51
CA HIS D 123 35.50 -28.68 -2.20
C HIS D 123 36.06 -27.60 -3.14
N LEU D 124 35.49 -26.39 -3.13
CA LEU D 124 35.95 -25.25 -3.99
C LEU D 124 36.76 -24.28 -3.13
N PRO D 125 38.08 -24.16 -3.37
CA PRO D 125 38.97 -23.35 -2.51
C PRO D 125 38.62 -21.86 -2.41
N PHE D 126 37.92 -21.31 -3.41
CA PHE D 126 37.56 -19.88 -3.51
C PHE D 126 36.21 -19.60 -2.85
N ARG D 127 35.44 -20.64 -2.49
CA ARG D 127 34.10 -20.49 -1.86
C ARG D 127 34.25 -20.35 -0.35
N PRO D 128 33.49 -19.43 0.30
CA PRO D 128 33.46 -19.35 1.75
C PRO D 128 33.22 -20.69 2.47
N ALA D 129 32.47 -21.60 1.84
CA ALA D 129 32.07 -22.91 2.41
C ALA D 129 33.22 -23.93 2.37
N PHE D 130 34.36 -23.60 1.74
CA PHE D 130 35.50 -24.53 1.54
C PHE D 130 35.84 -25.25 2.85
N HIS D 131 35.76 -26.58 2.85
CA HIS D 131 36.09 -27.49 3.99
C HIS D 131 35.30 -27.08 5.24
N ASP D 132 34.10 -26.51 5.08
CA ASP D 132 33.26 -26.02 6.21
C ASP D 132 31.84 -26.56 6.05
N VAL D 133 31.17 -26.27 4.93
CA VAL D 133 29.72 -26.56 4.71
C VAL D 133 29.53 -27.18 3.32
N HIS D 134 28.81 -28.30 3.23
CA HIS D 134 28.40 -28.94 1.95
C HIS D 134 27.18 -28.22 1.38
N ALA D 135 27.21 -27.89 0.08
CA ALA D 135 26.12 -27.19 -0.63
C ALA D 135 26.21 -27.50 -2.13
N ALA D 136 25.09 -27.96 -2.73
CA ALA D 136 24.94 -28.25 -4.17
C ALA D 136 24.78 -26.94 -4.95
N HIS D 137 25.73 -26.68 -5.85
CA HIS D 137 26.01 -25.37 -6.49
C HIS D 137 26.28 -25.60 -7.99
N LEU D 138 26.27 -24.54 -8.80
CA LEU D 138 26.68 -24.58 -10.23
C LEU D 138 27.78 -23.54 -10.47
N LEU D 139 28.75 -23.86 -11.34
CA LEU D 139 29.68 -22.86 -11.90
C LEU D 139 29.91 -23.16 -13.39
N VAL D 140 30.55 -22.23 -14.09
CA VAL D 140 30.92 -22.35 -15.52
C VAL D 140 32.38 -22.82 -15.59
N VAL D 141 32.66 -23.85 -16.39
CA VAL D 141 34.03 -24.27 -16.80
C VAL D 141 34.30 -23.67 -18.18
N TYR D 142 35.38 -22.91 -18.35
CA TYR D 142 35.68 -22.20 -19.62
C TYR D 142 37.07 -22.56 -20.18
N ARG D 143 37.91 -23.28 -19.43
CA ARG D 143 39.24 -23.72 -19.93
C ARG D 143 39.75 -24.86 -19.04
N ILE D 144 40.42 -25.83 -19.65
CA ILE D 144 41.06 -26.98 -18.94
C ILE D 144 42.47 -27.16 -19.51
N THR D 145 43.46 -27.25 -18.62
CA THR D 145 44.87 -27.59 -18.95
C THR D 145 45.17 -28.96 -18.37
N GLU D 146 46.41 -29.43 -18.46
CA GLU D 146 46.85 -30.72 -17.87
C GLU D 146 46.59 -30.72 -16.36
N THR D 147 46.79 -29.59 -15.67
CA THR D 147 46.88 -29.51 -14.18
C THR D 147 45.76 -28.66 -13.59
N GLU D 148 45.06 -27.83 -14.38
CA GLU D 148 44.11 -26.82 -13.85
C GLU D 148 42.78 -26.85 -14.61
N VAL D 149 41.69 -26.55 -13.90
CA VAL D 149 40.34 -26.27 -14.46
C VAL D 149 40.03 -24.81 -14.17
N TYR D 150 39.75 -24.03 -15.22
CA TYR D 150 39.41 -22.59 -15.14
C TYR D 150 37.90 -22.48 -14.96
N VAL D 151 37.46 -21.88 -13.86
CA VAL D 151 36.02 -21.83 -13.49
C VAL D 151 35.60 -20.37 -13.32
N SER D 152 34.33 -20.10 -13.60
CA SER D 152 33.68 -18.76 -13.46
C SER D 152 32.46 -18.92 -12.57
N ASP D 153 32.41 -18.18 -11.46
CA ASP D 153 31.34 -18.27 -10.43
C ASP D 153 31.04 -16.86 -9.92
N ALA D 154 29.93 -16.25 -10.37
CA ALA D 154 29.57 -14.85 -10.09
C ALA D 154 28.93 -14.71 -8.70
N GLN D 155 28.57 -15.81 -8.04
CA GLN D 155 27.92 -15.73 -6.70
C GLN D 155 28.91 -15.11 -5.72
N PRO D 156 28.51 -14.10 -4.92
CA PRO D 156 29.42 -13.47 -3.96
C PRO D 156 30.09 -14.51 -3.05
N PRO D 157 31.42 -14.49 -2.87
CA PRO D 157 32.33 -13.57 -3.57
C PRO D 157 32.72 -14.12 -4.95
N ALA D 158 32.52 -13.32 -6.00
CA ALA D 158 32.75 -13.71 -7.41
C ALA D 158 34.21 -14.15 -7.61
N PHE D 159 34.42 -15.22 -8.37
CA PHE D 159 35.75 -15.77 -8.70
C PHE D 159 35.78 -16.17 -10.18
N GLN D 160 36.90 -15.89 -10.85
CA GLN D 160 37.16 -16.35 -12.23
C GLN D 160 38.65 -16.70 -12.33
N GLY D 161 38.97 -17.96 -12.62
CA GLY D 161 40.36 -18.39 -12.85
C GLY D 161 40.58 -19.86 -12.57
N ALA D 162 41.85 -20.28 -12.57
CA ALA D 162 42.29 -21.68 -12.44
C ALA D 162 42.14 -22.14 -10.99
N ILE D 163 41.64 -23.37 -10.80
CA ILE D 163 41.80 -24.15 -9.54
C ILE D 163 42.49 -25.46 -9.91
N PRO D 164 43.23 -26.09 -8.97
CA PRO D 164 43.83 -27.39 -9.22
C PRO D 164 42.80 -28.45 -9.68
N LEU D 165 43.18 -29.26 -10.67
CA LEU D 165 42.36 -30.36 -11.24
C LEU D 165 41.77 -31.21 -10.10
N ALA D 166 42.56 -31.54 -9.08
CA ALA D 166 42.16 -32.39 -7.94
C ALA D 166 40.99 -31.75 -7.18
N ASP D 167 41.05 -30.43 -6.97
CA ASP D 167 39.98 -29.67 -6.26
C ASP D 167 38.70 -29.70 -7.09
N PHE D 168 38.78 -29.48 -8.41
CA PHE D 168 37.60 -29.50 -9.30
C PHE D 168 36.97 -30.90 -9.27
N LEU D 169 37.78 -31.95 -9.42
CA LEU D 169 37.31 -33.36 -9.44
C LEU D 169 36.62 -33.70 -8.12
N ALA D 170 37.18 -33.26 -6.99
CA ALA D 170 36.62 -33.49 -5.63
C ALA D 170 35.24 -32.83 -5.55
N SER D 171 35.10 -31.62 -6.10
CA SER D 171 33.84 -30.83 -6.09
C SER D 171 32.82 -31.43 -7.07
N TRP D 172 33.26 -31.78 -8.28
CA TRP D 172 32.41 -32.31 -9.38
C TRP D 172 31.93 -33.73 -9.05
N GLY D 173 32.72 -34.49 -8.27
CA GLY D 173 32.40 -35.87 -7.88
C GLY D 173 31.87 -35.97 -6.47
N SER D 174 31.64 -34.84 -5.80
CA SER D 174 31.30 -34.77 -4.35
C SER D 174 30.04 -35.59 -4.06
N LEU D 175 30.09 -36.39 -3.00
CA LEU D 175 28.92 -37.06 -2.37
C LEU D 175 27.94 -36.00 -1.87
N ASN D 176 28.42 -34.82 -1.47
CA ASN D 176 27.61 -33.74 -0.86
C ASN D 176 26.71 -34.37 0.21
N PRO D 177 27.29 -35.00 1.24
CA PRO D 177 26.49 -35.72 2.24
C PRO D 177 25.61 -34.78 3.06
N PRO D 178 24.56 -35.29 3.70
CA PRO D 178 23.74 -34.47 4.60
C PRO D 178 24.62 -33.72 5.58
N ASP D 179 24.38 -32.42 5.75
CA ASP D 179 25.21 -31.51 6.59
C ASP D 179 24.27 -30.71 7.51
N ASP D 180 24.46 -30.85 8.82
CA ASP D 180 23.66 -30.17 9.88
C ASP D 180 23.72 -28.64 9.70
N ALA D 181 24.79 -28.13 9.08
CA ALA D 181 25.01 -26.69 8.83
C ALA D 181 24.38 -26.25 7.50
N ASP D 182 23.75 -27.16 6.76
CA ASP D 182 23.08 -26.85 5.46
C ASP D 182 21.94 -27.83 5.20
N VAL D 183 20.78 -27.61 5.85
CA VAL D 183 19.58 -28.49 5.73
C VAL D 183 18.91 -28.28 4.36
N PHE D 184 19.29 -27.23 3.61
CA PHE D 184 18.64 -26.85 2.33
C PHE D 184 19.32 -27.50 1.12
N PHE D 185 20.66 -27.47 1.05
CA PHE D 185 21.42 -27.72 -0.21
C PHE D 185 22.45 -28.86 -0.03
N SER D 186 22.39 -29.62 1.06
CA SER D 186 23.23 -30.83 1.25
C SER D 186 22.39 -32.07 0.94
N ALA D 187 23.05 -33.23 0.90
CA ALA D 187 22.45 -34.56 0.60
C ALA D 187 21.99 -34.63 -0.86
N SER D 188 22.78 -34.04 -1.77
N SER D 188 22.76 -34.02 -1.77
CA SER D 188 22.54 -33.98 -3.24
CA SER D 188 22.51 -34.00 -3.24
C SER D 188 23.85 -34.14 -3.98
C SER D 188 23.85 -34.14 -3.97
N PRO D 189 24.31 -35.39 -4.24
CA PRO D 189 25.60 -35.62 -4.89
C PRO D 189 25.76 -34.83 -6.20
N SER D 190 26.96 -34.28 -6.42
CA SER D 190 27.34 -33.59 -7.68
C SER D 190 27.18 -34.58 -8.85
N GLY D 191 27.59 -35.84 -8.65
CA GLY D 191 27.40 -36.95 -9.59
C GLY D 191 28.08 -36.73 -10.93
N ARG D 192 29.10 -35.85 -10.98
CA ARG D 192 29.81 -35.44 -12.21
C ARG D 192 28.78 -35.02 -13.26
N ARG D 193 27.72 -34.34 -12.81
CA ARG D 193 26.63 -33.83 -13.68
C ARG D 193 27.09 -32.51 -14.30
N TRP D 194 26.73 -32.26 -15.56
CA TRP D 194 26.91 -30.92 -16.18
C TRP D 194 25.77 -30.64 -17.14
N LEU D 195 25.48 -29.35 -17.32
CA LEU D 195 24.38 -28.83 -18.17
C LEU D 195 25.00 -28.31 -19.47
N ARG D 196 24.52 -28.81 -20.60
CA ARG D 196 24.83 -28.30 -21.96
C ARG D 196 23.65 -27.43 -22.38
N THR D 197 23.87 -26.14 -22.64
CA THR D 197 22.82 -25.19 -23.09
C THR D 197 23.08 -24.82 -24.55
N ARG D 198 22.01 -24.57 -25.31
CA ARG D 198 22.10 -24.12 -26.71
C ARG D 198 20.83 -23.35 -27.08
N MET D 199 20.98 -22.27 -27.84
CA MET D 199 19.88 -21.57 -28.54
C MET D 199 19.70 -22.27 -29.89
N THR D 200 18.55 -22.93 -30.11
CA THR D 200 18.30 -23.84 -31.27
C THR D 200 17.77 -23.07 -32.48
N GLY D 201 17.71 -21.74 -32.40
CA GLY D 201 17.36 -20.86 -33.52
C GLY D 201 17.57 -19.39 -33.14
N PRO D 202 17.43 -18.44 -34.09
CA PRO D 202 17.46 -17.01 -33.76
C PRO D 202 16.39 -16.65 -32.70
N VAL D 203 16.73 -15.71 -31.80
CA VAL D 203 15.83 -15.22 -30.72
C VAL D 203 14.69 -14.43 -31.38
N PRO D 204 13.48 -14.40 -30.76
CA PRO D 204 12.42 -13.53 -31.26
C PRO D 204 12.86 -12.07 -31.10
N GLU D 205 12.46 -11.20 -32.04
CA GLU D 205 12.68 -9.75 -31.91
C GLU D 205 11.91 -9.27 -30.68
N PRO D 206 12.59 -8.68 -29.68
CA PRO D 206 11.91 -8.20 -28.48
C PRO D 206 11.31 -6.79 -28.68
N ASP D 207 10.34 -6.68 -29.60
CA ASP D 207 9.65 -5.39 -29.92
C ASP D 207 8.45 -5.22 -28.98
N ARG D 208 7.79 -4.07 -29.08
CA ARG D 208 6.65 -3.68 -28.18
CA ARG D 208 6.66 -3.69 -28.17
C ARG D 208 5.58 -4.77 -28.19
N HIS D 209 5.22 -5.26 -29.39
CA HIS D 209 4.16 -6.29 -29.56
C HIS D 209 4.56 -7.59 -28.86
N TRP D 210 5.83 -7.99 -28.99
CA TRP D 210 6.37 -9.21 -28.32
C TRP D 210 6.28 -9.05 -26.81
N VAL D 211 6.72 -7.91 -26.27
CA VAL D 211 6.70 -7.64 -24.80
C VAL D 211 5.25 -7.67 -24.31
N GLY D 212 4.33 -7.06 -25.08
CA GLY D 212 2.87 -7.13 -24.82
C GLY D 212 2.38 -8.56 -24.69
N ARG D 213 2.73 -9.42 -25.65
CA ARG D 213 2.32 -10.85 -25.69
C ARG D 213 2.90 -11.59 -24.48
N VAL D 214 4.18 -11.34 -24.18
CA VAL D 214 4.91 -11.94 -23.02
C VAL D 214 4.14 -11.61 -21.74
N ILE D 215 3.81 -10.34 -21.53
CA ILE D 215 3.11 -9.87 -20.30
C ILE D 215 1.75 -10.55 -20.23
N ARG D 216 0.98 -10.56 -21.31
CA ARG D 216 -0.39 -11.12 -21.33
C ARG D 216 -0.33 -12.63 -21.06
N GLU D 217 0.67 -13.34 -21.61
CA GLU D 217 0.80 -14.80 -21.41
C GLU D 217 1.16 -15.08 -19.94
N ASN D 218 2.06 -14.29 -19.36
CA ASN D 218 2.46 -14.42 -17.93
C ASN D 218 1.24 -14.23 -17.03
N VAL D 219 0.44 -13.18 -17.29
CA VAL D 219 -0.77 -12.84 -16.50
C VAL D 219 -1.79 -13.97 -16.63
N ALA D 220 -2.09 -14.42 -17.85
CA ALA D 220 -3.07 -15.50 -18.12
C ALA D 220 -2.66 -16.77 -17.37
N ARG D 221 -1.36 -17.10 -17.39
CA ARG D 221 -0.82 -18.32 -16.73
C ARG D 221 -0.94 -18.16 -15.21
N TYR D 222 -0.73 -16.95 -14.67
CA TYR D 222 -0.89 -16.65 -13.22
C TYR D 222 -2.37 -16.82 -12.81
N ARG D 223 -3.30 -16.39 -13.66
CA ARG D 223 -4.76 -16.36 -13.32
C ARG D 223 -5.37 -17.76 -13.47
N GLN D 224 -4.81 -18.61 -14.34
CA GLN D 224 -5.35 -19.96 -14.67
C GLN D 224 -5.34 -20.85 -13.42
N GLU D 225 -6.48 -21.49 -13.12
CA GLU D 225 -6.58 -22.51 -12.05
C GLU D 225 -5.77 -23.74 -12.45
N PRO D 226 -4.93 -24.31 -11.56
CA PRO D 226 -4.21 -25.55 -11.86
C PRO D 226 -5.17 -26.74 -11.97
N PRO D 227 -4.89 -27.72 -12.85
CA PRO D 227 -5.80 -28.84 -13.08
C PRO D 227 -5.74 -29.98 -12.05
N ALA D 228 -4.59 -30.19 -11.41
CA ALA D 228 -4.30 -31.40 -10.60
C ALA D 228 -3.31 -31.07 -9.47
N ASP D 229 -2.36 -31.97 -9.19
CA ASP D 229 -1.49 -31.93 -7.98
C ASP D 229 -0.48 -30.79 -8.08
N THR D 230 -0.05 -30.40 -9.29
CA THR D 230 0.92 -29.28 -9.47
C THR D 230 0.21 -27.96 -9.17
N GLN D 231 0.75 -27.20 -8.21
CA GLN D 231 0.20 -25.89 -7.77
C GLN D 231 0.85 -24.78 -8.59
N THR D 232 0.08 -24.13 -9.48
CA THR D 232 0.61 -23.12 -10.44
C THR D 232 -0.16 -21.81 -10.31
N GLY D 233 0.50 -20.69 -10.62
CA GLY D 233 -0.09 -19.36 -10.68
C GLY D 233 -0.58 -18.87 -9.33
N LEU D 234 -1.48 -17.88 -9.35
CA LEU D 234 -2.04 -17.21 -8.14
C LEU D 234 -2.86 -18.23 -7.35
N PRO D 235 -3.80 -18.99 -7.95
CA PRO D 235 -4.56 -20.00 -7.22
C PRO D 235 -3.64 -21.05 -6.57
N GLY D 236 -2.61 -21.50 -7.29
CA GLY D 236 -1.63 -22.49 -6.81
C GLY D 236 -0.85 -21.96 -5.62
N LEU D 237 -0.38 -20.70 -5.70
CA LEU D 237 0.38 -20.05 -4.60
C LEU D 237 -0.51 -19.95 -3.34
N ARG D 238 -1.76 -19.52 -3.50
CA ARG D 238 -2.73 -19.46 -2.37
C ARG D 238 -2.80 -20.83 -1.68
N ARG D 239 -3.01 -21.89 -2.46
CA ARG D 239 -3.19 -23.27 -1.93
C ARG D 239 -1.88 -23.76 -1.29
N TYR D 240 -0.74 -23.46 -1.92
CA TYR D 240 0.61 -23.85 -1.41
C TYR D 240 0.83 -23.21 -0.03
N LEU D 241 0.63 -21.90 0.08
CA LEU D 241 0.87 -21.14 1.34
C LEU D 241 -0.14 -21.59 2.41
N ASP D 242 -1.41 -21.83 2.03
CA ASP D 242 -2.45 -22.34 2.97
C ASP D 242 -1.99 -23.69 3.54
N GLU D 243 -1.51 -24.59 2.67
CA GLU D 243 -1.02 -25.94 3.01
C GLU D 243 0.16 -25.84 3.99
N LEU D 244 1.12 -24.96 3.69
CA LEU D 244 2.33 -24.71 4.52
C LEU D 244 1.92 -24.26 5.92
N CYS D 245 1.07 -23.24 6.02
CA CYS D 245 0.68 -22.59 7.30
C CYS D 245 -0.19 -23.53 8.16
N ALA D 246 -0.78 -24.58 7.57
CA ALA D 246 -1.64 -25.55 8.27
C ALA D 246 -0.80 -26.57 9.05
N LEU D 247 0.46 -26.78 8.66
CA LEU D 247 1.37 -27.76 9.32
C LEU D 247 1.73 -27.25 10.73
N THR D 248 1.86 -28.16 11.69
CA THR D 248 2.21 -27.85 13.10
C THR D 248 3.70 -27.54 13.19
N PRO D 249 4.12 -26.31 13.57
CA PRO D 249 5.53 -26.00 13.70
C PRO D 249 6.27 -26.99 14.62
N GLY D 250 7.50 -27.35 14.26
CA GLY D 250 8.39 -28.22 15.06
C GLY D 250 8.26 -29.69 14.70
N THR D 251 7.22 -30.08 13.94
CA THR D 251 7.00 -31.47 13.47
C THR D 251 7.93 -31.75 12.28
N ASN D 252 8.15 -33.03 11.98
CA ASN D 252 8.99 -33.49 10.84
CA ASN D 252 9.00 -33.48 10.84
C ASN D 252 8.39 -32.96 9.53
N ALA D 253 7.05 -33.05 9.40
CA ALA D 253 6.29 -32.59 8.20
C ALA D 253 6.54 -31.10 7.97
N ALA D 254 6.45 -30.29 9.03
CA ALA D 254 6.67 -28.82 8.97
C ALA D 254 8.13 -28.52 8.58
N SER D 255 9.10 -29.22 9.18
CA SER D 255 10.54 -29.04 8.90
C SER D 255 10.82 -29.31 7.41
N GLU D 256 10.33 -30.44 6.89
CA GLU D 256 10.48 -30.82 5.46
C GLU D 256 9.84 -29.72 4.58
N ALA D 257 8.66 -29.24 4.95
CA ALA D 257 7.90 -28.23 4.18
C ALA D 257 8.68 -26.90 4.16
N LEU D 258 9.31 -26.52 5.27
CA LEU D 258 10.08 -25.26 5.37
C LEU D 258 11.40 -25.39 4.59
N SER D 259 12.02 -26.57 4.59
CA SER D 259 13.23 -26.85 3.76
C SER D 259 12.85 -26.67 2.29
N GLU D 260 11.75 -27.30 1.86
CA GLU D 260 11.23 -27.17 0.47
C GLU D 260 10.97 -25.70 0.15
N LEU D 261 10.26 -25.00 1.02
CA LEU D 261 9.86 -23.57 0.80
C LEU D 261 11.10 -22.74 0.45
N TYR D 262 12.13 -22.81 1.30
CA TYR D 262 13.36 -21.99 1.17
C TYR D 262 14.05 -22.30 -0.16
N VAL D 263 14.11 -23.58 -0.52
CA VAL D 263 14.83 -24.06 -1.74
C VAL D 263 14.07 -23.62 -3.00
N ILE D 264 12.78 -23.97 -3.13
CA ILE D 264 12.02 -23.67 -4.37
C ILE D 264 11.88 -22.16 -4.52
N SER D 265 11.70 -21.43 -3.41
CA SER D 265 11.38 -19.98 -3.42
C SER D 265 12.60 -19.15 -3.85
N TRP D 266 13.83 -19.67 -3.73
CA TRP D 266 15.03 -18.87 -4.12
C TRP D 266 14.92 -18.47 -5.59
N ASN D 267 14.70 -19.43 -6.49
CA ASN D 267 14.77 -19.20 -7.95
C ASN D 267 13.43 -18.60 -8.43
N ILE D 268 12.35 -18.83 -7.69
CA ILE D 268 11.02 -18.18 -7.94
C ILE D 268 11.15 -16.69 -7.60
N GLN D 269 11.76 -16.35 -6.46
CA GLN D 269 12.05 -14.95 -6.06
C GLN D 269 13.00 -14.31 -7.06
N ALA D 270 14.08 -15.02 -7.43
CA ALA D 270 15.09 -14.57 -8.42
C ALA D 270 14.38 -14.17 -9.73
N GLN D 271 13.46 -15.01 -10.21
CA GLN D 271 12.74 -14.74 -11.49
C GLN D 271 11.88 -13.48 -11.34
N SER D 272 11.25 -13.28 -10.17
CA SER D 272 10.46 -12.07 -9.86
C SER D 272 11.35 -10.83 -9.99
N GLY D 273 12.52 -10.85 -9.37
CA GLY D 273 13.50 -9.74 -9.44
C GLY D 273 13.93 -9.46 -10.87
N LEU D 274 14.18 -10.52 -11.64
CA LEU D 274 14.65 -10.42 -13.05
CA LEU D 274 14.65 -10.42 -13.05
C LEU D 274 13.54 -9.85 -13.93
N HIS D 275 12.30 -10.28 -13.69
CA HIS D 275 11.12 -9.83 -14.48
C HIS D 275 10.89 -8.33 -14.23
N ALA D 276 11.00 -7.87 -12.99
CA ALA D 276 10.90 -6.44 -12.64
C ALA D 276 11.98 -5.66 -13.40
N GLU D 277 13.20 -6.18 -13.47
CA GLU D 277 14.33 -5.51 -14.17
C GLU D 277 14.03 -5.44 -15.67
N PHE D 278 13.54 -6.54 -16.25
CA PHE D 278 13.10 -6.65 -17.66
C PHE D 278 12.08 -5.53 -17.96
N LEU D 279 11.10 -5.35 -17.08
CA LEU D 279 10.02 -4.33 -17.24
C LEU D 279 10.64 -2.92 -17.12
N ARG D 280 11.53 -2.70 -16.16
CA ARG D 280 12.20 -1.39 -15.97
C ARG D 280 13.02 -1.05 -17.22
N ALA D 281 13.79 -2.01 -17.75
CA ALA D 281 14.68 -1.82 -18.92
C ALA D 281 13.87 -1.32 -20.11
N HIS D 282 12.70 -1.92 -20.34
CA HIS D 282 11.81 -1.60 -21.49
C HIS D 282 11.06 -0.28 -21.22
N SER D 283 10.77 0.04 -19.96
CA SER D 283 10.14 1.33 -19.57
CA SER D 283 10.12 1.33 -19.58
C SER D 283 11.04 2.49 -19.98
N VAL D 284 12.35 2.35 -19.76
CA VAL D 284 13.36 3.39 -20.06
C VAL D 284 13.54 3.49 -21.59
N LYS D 285 13.76 2.35 -22.25
CA LYS D 285 14.02 2.24 -23.72
C LYS D 285 12.89 2.94 -24.49
N TRP D 286 11.63 2.68 -24.14
CA TRP D 286 10.43 3.11 -24.91
C TRP D 286 9.71 4.28 -24.24
N ARG D 287 10.18 4.72 -23.07
CA ARG D 287 9.58 5.83 -22.27
C ARG D 287 8.10 5.52 -22.04
N ILE D 288 7.79 4.32 -21.53
CA ILE D 288 6.41 3.86 -21.21
C ILE D 288 6.29 3.75 -19.69
N PRO D 289 5.68 4.75 -19.02
CA PRO D 289 5.62 4.75 -17.55
C PRO D 289 4.89 3.54 -16.95
N GLU D 290 3.91 2.98 -17.66
CA GLU D 290 3.13 1.80 -17.20
C GLU D 290 4.07 0.60 -16.95
N LEU D 291 5.12 0.46 -17.75
CA LEU D 291 6.10 -0.66 -17.60
C LEU D 291 6.87 -0.49 -16.29
N ALA D 292 7.25 0.74 -15.92
CA ALA D 292 7.96 1.06 -14.66
C ALA D 292 7.03 0.86 -13.45
N GLU D 293 5.75 1.20 -13.60
CA GLU D 293 4.72 1.01 -12.54
C GLU D 293 4.50 -0.49 -12.32
N ALA D 294 4.40 -1.27 -13.41
CA ALA D 294 4.27 -2.74 -13.36
C ALA D 294 5.53 -3.35 -12.71
N ALA D 295 6.71 -2.83 -13.05
CA ALA D 295 8.01 -3.27 -12.49
C ALA D 295 7.97 -3.16 -10.95
N ALA D 296 7.49 -2.02 -10.43
CA ALA D 296 7.34 -1.78 -8.98
C ALA D 296 6.41 -2.85 -8.36
N GLY D 297 5.30 -3.15 -9.04
CA GLY D 297 4.36 -4.21 -8.63
C GLY D 297 5.05 -5.56 -8.55
N VAL D 298 5.82 -5.92 -9.58
CA VAL D 298 6.53 -7.23 -9.67
C VAL D 298 7.62 -7.28 -8.59
N ASP D 299 8.39 -6.20 -8.42
CA ASP D 299 9.42 -6.09 -7.35
C ASP D 299 8.78 -6.25 -5.97
N ALA D 300 7.56 -5.79 -5.76
CA ALA D 300 6.85 -5.91 -4.46
C ALA D 300 6.59 -7.40 -4.17
N VAL D 301 6.38 -8.21 -5.21
CA VAL D 301 6.24 -9.69 -5.08
C VAL D 301 7.62 -10.27 -4.71
N ALA D 302 8.67 -9.90 -5.44
CA ALA D 302 10.07 -10.30 -5.13
C ALA D 302 10.36 -10.00 -3.65
N HIS D 303 10.01 -8.80 -3.20
CA HIS D 303 10.24 -8.34 -1.79
C HIS D 303 9.35 -9.13 -0.84
N GLY D 304 8.09 -9.37 -1.21
CA GLY D 304 7.13 -10.18 -0.43
C GLY D 304 7.65 -11.59 -0.17
N TRP D 305 8.33 -12.20 -1.14
CA TRP D 305 8.98 -13.51 -0.96
C TRP D 305 9.98 -13.47 0.21
N THR D 306 10.69 -12.36 0.40
CA THR D 306 11.73 -12.24 1.47
C THR D 306 11.09 -12.57 2.83
N GLY D 307 10.01 -11.89 3.19
CA GLY D 307 9.32 -12.09 4.48
C GLY D 307 8.94 -13.55 4.69
N VAL D 308 8.38 -14.19 3.65
CA VAL D 308 7.93 -15.61 3.71
C VAL D 308 9.15 -16.51 3.90
N ARG D 309 10.15 -16.36 3.02
CA ARG D 309 11.36 -17.24 2.95
C ARG D 309 12.15 -17.15 4.25
N MET D 310 12.33 -15.94 4.79
CA MET D 310 13.24 -15.70 5.93
C MET D 310 12.55 -16.04 7.25
N THR D 311 11.24 -15.82 7.38
CA THR D 311 10.45 -16.35 8.53
C THR D 311 10.56 -17.87 8.52
N GLY D 312 10.39 -18.49 7.36
CA GLY D 312 10.52 -19.95 7.17
C GLY D 312 11.91 -20.46 7.54
N ALA D 313 12.96 -19.76 7.09
CA ALA D 313 14.38 -20.15 7.30
C ALA D 313 14.72 -20.12 8.80
N HIS D 314 14.34 -19.05 9.50
CA HIS D 314 14.59 -18.86 10.96
C HIS D 314 13.86 -19.94 11.76
N SER D 315 12.62 -20.26 11.38
CA SER D 315 11.81 -21.35 11.99
C SER D 315 12.51 -22.69 11.79
N ARG D 316 12.98 -22.97 10.57
CA ARG D 316 13.59 -24.29 10.19
C ARG D 316 14.93 -24.47 10.91
N VAL D 317 15.79 -23.46 10.91
CA VAL D 317 17.22 -23.57 11.34
C VAL D 317 17.34 -23.32 12.85
N TRP D 318 16.66 -22.29 13.37
CA TRP D 318 16.82 -21.79 14.76
C TRP D 318 15.56 -22.06 15.60
N GLN D 319 14.61 -22.85 15.09
CA GLN D 319 13.38 -23.26 15.82
C GLN D 319 12.63 -22.00 16.30
N ARG D 320 12.76 -20.88 15.57
CA ARG D 320 12.01 -19.62 15.85
C ARG D 320 10.62 -19.76 15.21
N HIS D 321 9.72 -20.47 15.89
CA HIS D 321 8.35 -20.79 15.39
C HIS D 321 7.49 -19.53 15.54
N ARG D 322 7.12 -18.92 14.40
CA ARG D 322 6.28 -17.70 14.33
C ARG D 322 5.19 -17.92 13.28
N PRO D 323 4.19 -18.79 13.57
CA PRO D 323 3.18 -19.13 12.58
C PRO D 323 2.33 -17.91 12.17
N ALA D 324 2.05 -17.00 13.10
CA ALA D 324 1.30 -15.75 12.86
C ALA D 324 2.06 -14.88 11.86
N GLU D 325 3.39 -14.70 12.06
CA GLU D 325 4.24 -13.88 11.16
C GLU D 325 4.31 -14.55 9.78
N LEU D 326 4.45 -15.87 9.72
CA LEU D 326 4.53 -16.61 8.43
C LEU D 326 3.20 -16.41 7.67
N ARG D 327 2.07 -16.60 8.34
CA ARG D 327 0.72 -16.46 7.74
C ARG D 327 0.54 -15.03 7.22
N GLY D 328 1.01 -14.03 7.98
CA GLY D 328 0.96 -12.60 7.62
C GLY D 328 1.74 -12.31 6.35
N HIS D 329 2.99 -12.77 6.28
CA HIS D 329 3.87 -12.60 5.09
C HIS D 329 3.26 -13.32 3.88
N ALA D 330 2.72 -14.53 4.08
CA ALA D 330 2.08 -15.35 3.03
C ALA D 330 0.92 -14.55 2.42
N THR D 331 0.04 -14.02 3.26
CA THR D 331 -1.16 -13.25 2.85
C THR D 331 -0.73 -11.99 2.09
N ALA D 332 0.28 -11.27 2.60
CA ALA D 332 0.82 -10.05 1.97
C ALA D 332 1.37 -10.39 0.57
N LEU D 333 2.10 -11.50 0.44
CA LEU D 333 2.69 -11.96 -0.85
C LEU D 333 1.59 -12.19 -1.87
N VAL D 334 0.51 -12.88 -1.48
CA VAL D 334 -0.66 -13.14 -2.37
C VAL D 334 -1.26 -11.79 -2.80
N ARG D 335 -1.41 -10.84 -1.88
CA ARG D 335 -2.01 -9.51 -2.17
C ARG D 335 -1.11 -8.75 -3.14
N ARG D 336 0.21 -8.79 -2.94
CA ARG D 336 1.20 -8.13 -3.83
C ARG D 336 1.08 -8.73 -5.24
N LEU D 337 0.93 -10.05 -5.35
CA LEU D 337 0.79 -10.74 -6.66
C LEU D 337 -0.50 -10.29 -7.35
N GLU D 338 -1.63 -10.27 -6.64
CA GLU D 338 -2.93 -9.77 -7.17
C GLU D 338 -2.72 -8.39 -7.79
N ALA D 339 -2.12 -7.45 -7.03
CA ALA D 339 -1.91 -6.05 -7.45
C ALA D 339 -0.99 -5.98 -8.67
N ALA D 340 0.06 -6.80 -8.69
CA ALA D 340 1.08 -6.84 -9.78
C ALA D 340 0.41 -7.24 -11.10
N LEU D 341 -0.49 -8.23 -11.06
CA LEU D 341 -1.17 -8.75 -12.27
C LEU D 341 -2.02 -7.64 -12.90
N ASP D 342 -2.73 -6.86 -12.08
CA ASP D 342 -3.57 -5.72 -12.55
C ASP D 342 -2.67 -4.65 -13.19
N LEU D 343 -1.54 -4.32 -12.57
CA LEU D 343 -0.58 -3.30 -13.10
C LEU D 343 0.02 -3.80 -14.42
N LEU D 344 0.29 -5.10 -14.54
CA LEU D 344 0.88 -5.70 -15.76
C LEU D 344 -0.12 -5.57 -16.92
N GLU D 345 -1.42 -5.75 -16.68
CA GLU D 345 -2.45 -5.65 -17.74
C GLU D 345 -2.48 -4.21 -18.28
N LEU D 346 -2.32 -3.21 -17.41
CA LEU D 346 -2.24 -1.79 -17.84
C LEU D 346 -0.97 -1.57 -18.67
N ALA D 347 0.15 -2.20 -18.29
CA ALA D 347 1.42 -2.14 -19.02
C ALA D 347 1.24 -2.76 -20.42
N ALA D 348 0.62 -3.94 -20.49
CA ALA D 348 0.38 -4.67 -21.77
C ALA D 348 -0.46 -3.80 -22.70
N ASP D 349 -1.49 -3.14 -22.18
CA ASP D 349 -2.37 -2.21 -22.95
C ASP D 349 -1.54 -1.06 -23.53
N ALA D 350 -0.56 -0.56 -22.77
CA ALA D 350 0.26 0.62 -23.12
C ALA D 350 1.31 0.26 -24.20
N VAL D 351 1.80 -0.98 -24.25
CA VAL D 351 2.88 -1.39 -25.20
C VAL D 351 2.25 -1.90 -26.50
N SER D 352 1.13 -2.61 -26.42
CA SER D 352 0.41 -3.21 -27.57
C SER D 352 -0.57 -2.20 -28.18
O1 PG4 E . 3.62 -2.34 -3.13
C1 PG4 E . 4.13 -2.24 -4.45
C2 PG4 E . 3.83 -0.91 -5.08
O2 PG4 E . 2.92 -1.06 -6.16
C3 PG4 E . 1.55 -0.96 -5.79
C4 PG4 E . 1.02 0.41 -6.11
O3 PG4 E . 0.51 1.04 -4.93
C5 PG4 E . -0.80 0.62 -4.59
C6 PG4 E . -1.25 1.30 -3.32
O4 PG4 E . -1.78 0.35 -2.40
C7 PG4 E . -0.78 -0.35 -1.67
C8 PG4 E . -1.38 -1.02 -0.47
O5 PG4 E . -0.39 -1.55 0.39
HO1 PG4 E . 3.83 -3.10 -2.82
H11 PG4 E . 3.73 -2.93 -5.01
H12 PG4 E . 5.10 -2.34 -4.43
H21 PG4 E . 4.66 -0.51 -5.42
H22 PG4 E . 3.43 -0.31 -4.42
H31 PG4 E . 1.46 -1.11 -4.81
H32 PG4 E . 1.02 -1.63 -6.26
H41 PG4 E . 0.30 0.34 -6.77
H42 PG4 E . 1.74 0.97 -6.47
H51 PG4 E . -0.82 -0.35 -4.44
H52 PG4 E . -1.42 0.85 -5.30
H61 PG4 E . -1.93 1.97 -3.53
H62 PG4 E . -0.48 1.75 -2.90
H71 PG4 E . -0.09 0.27 -1.36
H72 PG4 E . -0.37 -1.04 -2.24
H81 PG4 E . -1.94 -1.76 -0.78
H82 PG4 E . -1.91 -0.37 0.03
HO5 PG4 E . 0.38 -1.38 0.07
MG MG F . -4.91 -5.43 28.27
MG MG G . -30.26 -3.88 19.02
MG MG H . 11.08 -23.64 -24.91
#